data_1W4B
#
_entry.id   1W4B
#
_cell.length_a   105.300
_cell.length_b   129.300
_cell.length_c   158.900
_cell.angle_alpha   90.00
_cell.angle_beta   90.00
_cell.angle_gamma   90.00
#
_symmetry.space_group_name_H-M   'I 2 2 2'
#
loop_
_entity.id
_entity.type
_entity.pdbx_description
1 polymer 'NTPASE P4'
2 non-polymer "ADENOSINE-5'-DIPHOSPHATE"
3 non-polymer 'MAGNESIUM ION'
4 water water
#
_entity_poly.entity_id   1
_entity_poly.type   'polypeptide(L)'
_entity_poly.pdbx_seq_one_letter_code
;MIHLYDAKSFAKLRAAQYAAFHTDAPGSWFDHTSGVLESVEDGTPVLAIGVESGDAIVFDKNAQRIVAYKEKSVKAEDGS
VSVVQVENGFMKQGHRGWLVDLTGELVGCSPVVAEFGGHRYASGMVIVTGKGNSGKTPLVHALGEALGGKDKYATVRFGE
PLSGYNTDFNVFVDDIARAMLQHRVIVIDSLKNVIGAAGGNTTSGGISRGAFDLLSDIGAMAASRGCVVIASLNPTSNDD
KIVELVKEASRSNSTSLVISTDVDGEWQVLTRTGEGLQRLTHTLQTSYGEHSVLTIHTSKQSGGKQASGKAIQTVIKNDE
LESVLRRLTSN
;
_entity_poly.pdbx_strand_id   A,B,C
#
loop_
_chem_comp.id
_chem_comp.type
_chem_comp.name
_chem_comp.formula
ADP non-polymer ADENOSINE-5'-DIPHOSPHATE 'C10 H15 N5 O10 P2'
MG non-polymer 'MAGNESIUM ION' 'Mg 2'
#
# COMPACT_ATOMS: atom_id res chain seq x y z
N MET A 1 -3.77 -19.41 -6.39
CA MET A 1 -5.06 -18.98 -5.76
C MET A 1 -4.85 -18.86 -4.26
N ILE A 2 -5.93 -18.63 -3.52
CA ILE A 2 -5.78 -18.57 -2.08
C ILE A 2 -6.09 -19.95 -1.52
N HIS A 3 -5.59 -20.21 -0.32
CA HIS A 3 -5.82 -21.48 0.34
C HIS A 3 -6.27 -21.26 1.77
N LEU A 4 -7.16 -22.11 2.24
CA LEU A 4 -7.65 -22.00 3.61
C LEU A 4 -7.06 -23.13 4.44
N TYR A 5 -6.81 -22.84 5.71
CA TYR A 5 -6.24 -23.82 6.59
C TYR A 5 -6.74 -23.68 7.99
N ASP A 6 -6.71 -24.81 8.71
CA ASP A 6 -6.98 -24.82 10.13
C ASP A 6 -5.68 -25.50 10.62
N ALA A 7 -5.51 -25.65 11.93
CA ALA A 7 -4.29 -26.24 12.45
C ALA A 7 -3.91 -27.57 11.77
N LYS A 8 -4.87 -28.46 11.67
CA LYS A 8 -4.66 -29.76 11.07
C LYS A 8 -4.19 -29.77 9.62
N SER A 9 -4.90 -29.05 8.73
CA SER A 9 -4.50 -29.03 7.33
C SER A 9 -3.19 -28.25 7.18
N PHE A 10 -2.93 -27.29 8.07
CA PHE A 10 -1.65 -26.56 7.99
C PHE A 10 -0.51 -27.53 8.33
N ALA A 11 -0.68 -28.33 9.37
CA ALA A 11 0.37 -29.27 9.75
C ALA A 11 0.62 -30.26 8.59
N LYS A 12 -0.43 -30.67 7.88
CA LYS A 12 -0.23 -31.58 6.76
C LYS A 12 0.57 -30.90 5.62
N LEU A 13 0.23 -29.65 5.35
CA LEU A 13 0.92 -28.87 4.33
C LEU A 13 2.43 -28.81 4.63
N ARG A 14 2.77 -28.43 5.85
CA ARG A 14 4.17 -28.33 6.22
C ARG A 14 4.89 -29.68 6.08
N ALA A 15 4.23 -30.76 6.47
CA ALA A 15 4.82 -32.08 6.34
C ALA A 15 5.09 -32.36 4.85
N ALA A 16 4.12 -32.04 3.99
CA ALA A 16 4.31 -32.31 2.57
C ALA A 16 5.43 -31.41 2.01
N GLN A 17 5.50 -30.17 2.46
CA GLN A 17 6.54 -29.27 1.95
C GLN A 17 7.88 -29.80 2.42
N TYR A 18 7.91 -30.26 3.67
CA TYR A 18 9.15 -30.80 4.17
C TYR A 18 9.57 -32.01 3.34
N ALA A 19 8.62 -32.89 3.02
CA ALA A 19 8.97 -34.07 2.21
C ALA A 19 9.43 -33.70 0.79
N ALA A 20 8.89 -32.60 0.24
CA ALA A 20 9.22 -32.20 -1.14
C ALA A 20 10.70 -31.90 -1.32
N PHE A 21 11.34 -31.49 -0.23
CA PHE A 21 12.75 -31.22 -0.30
C PHE A 21 13.58 -32.39 0.27
N HIS A 22 13.21 -32.82 1.46
CA HIS A 22 13.95 -33.84 2.19
C HIS A 22 13.84 -35.31 1.82
N THR A 23 12.65 -35.77 1.46
CA THR A 23 12.46 -37.20 1.18
C THR A 23 12.00 -37.63 -0.21
N ASP A 24 11.44 -36.72 -1.02
CA ASP A 24 11.04 -37.09 -2.38
C ASP A 24 12.30 -37.44 -3.18
N ALA A 25 12.18 -38.31 -4.15
CA ALA A 25 13.34 -38.65 -4.97
C ALA A 25 13.77 -37.40 -5.75
N PRO A 26 15.08 -37.13 -5.81
CA PRO A 26 15.60 -35.96 -6.52
C PRO A 26 15.15 -35.91 -7.96
N GLY A 27 14.64 -34.74 -8.36
CA GLY A 27 14.17 -34.53 -9.71
C GLY A 27 12.77 -35.12 -9.98
N SER A 28 12.14 -35.69 -8.96
CA SER A 28 10.83 -36.28 -9.16
C SER A 28 9.79 -35.19 -9.47
N TRP A 29 9.91 -34.01 -8.85
CA TRP A 29 8.95 -32.96 -9.11
C TRP A 29 9.00 -32.52 -10.57
N PHE A 30 10.22 -32.41 -11.09
CA PHE A 30 10.40 -32.03 -12.49
C PHE A 30 9.69 -33.02 -13.42
N ASP A 31 9.92 -34.31 -13.20
CA ASP A 31 9.30 -35.37 -14.00
C ASP A 31 7.78 -35.24 -13.87
N HIS A 32 7.28 -34.99 -12.66
CA HIS A 32 5.86 -34.80 -12.48
C HIS A 32 5.30 -33.62 -13.28
N THR A 33 5.95 -32.46 -13.20
CA THR A 33 5.44 -31.32 -13.96
C THR A 33 5.62 -31.50 -15.46
N SER A 34 6.63 -32.26 -15.89
CA SER A 34 6.81 -32.49 -17.30
C SER A 34 5.57 -33.26 -17.76
N GLY A 35 5.11 -34.16 -16.90
CA GLY A 35 3.91 -34.95 -17.21
C GLY A 35 2.68 -34.06 -17.31
N VAL A 36 2.56 -33.12 -16.40
CA VAL A 36 1.45 -32.20 -16.43
C VAL A 36 1.47 -31.34 -17.70
N LEU A 37 2.66 -30.91 -18.10
CA LEU A 37 2.81 -30.10 -19.29
C LEU A 37 2.46 -30.85 -20.56
N GLU A 38 2.89 -32.11 -20.66
CA GLU A 38 2.61 -32.86 -21.89
C GLU A 38 1.13 -33.23 -22.04
N SER A 39 0.40 -33.18 -20.95
CA SER A 39 -1.01 -33.52 -20.99
C SER A 39 -1.84 -32.26 -21.27
N VAL A 40 -1.14 -31.16 -21.50
CA VAL A 40 -1.79 -29.90 -21.80
C VAL A 40 -2.31 -29.92 -23.23
N GLU A 41 -3.57 -29.51 -23.42
CA GLU A 41 -4.19 -29.44 -24.74
C GLU A 41 -3.25 -28.76 -25.72
N ASP A 42 -3.07 -29.34 -26.90
CA ASP A 42 -2.18 -28.75 -27.88
C ASP A 42 -2.56 -27.29 -28.09
N GLY A 43 -1.54 -26.43 -28.22
CA GLY A 43 -1.76 -25.02 -28.43
C GLY A 43 -2.06 -24.18 -27.19
N THR A 44 -2.29 -24.83 -26.07
CA THR A 44 -2.59 -24.10 -24.85
C THR A 44 -1.42 -23.32 -24.29
N PRO A 45 -1.63 -22.05 -23.94
CA PRO A 45 -0.58 -21.19 -23.36
C PRO A 45 -0.19 -21.82 -22.01
N VAL A 46 1.09 -22.00 -21.75
CA VAL A 46 1.53 -22.62 -20.49
C VAL A 46 2.45 -21.69 -19.68
N LEU A 47 3.09 -20.77 -20.38
CA LEU A 47 4.02 -19.87 -19.73
C LEU A 47 4.03 -18.45 -20.33
N ALA A 48 4.07 -17.47 -19.43
CA ALA A 48 4.13 -16.08 -19.85
C ALA A 48 5.29 -15.45 -19.10
N ILE A 49 6.09 -14.68 -19.82
CA ILE A 49 7.23 -14.03 -19.22
C ILE A 49 7.36 -12.62 -19.79
N GLY A 50 7.83 -11.68 -18.98
CA GLY A 50 7.93 -10.32 -19.46
C GLY A 50 9.11 -9.95 -20.33
N VAL A 51 8.87 -9.16 -21.38
CA VAL A 51 10.00 -8.69 -22.20
C VAL A 51 10.43 -7.31 -21.68
N GLU A 52 11.41 -6.72 -22.33
CA GLU A 52 11.95 -5.44 -21.88
C GLU A 52 10.93 -4.36 -21.53
N SER A 53 9.96 -4.14 -22.42
CA SER A 53 8.92 -3.13 -22.18
C SER A 53 8.05 -3.36 -20.95
N GLY A 54 7.88 -4.62 -20.54
CA GLY A 54 7.01 -4.88 -19.39
C GLY A 54 5.81 -5.72 -19.86
N ASP A 55 5.68 -5.81 -21.17
CA ASP A 55 4.66 -6.62 -21.80
C ASP A 55 5.16 -8.05 -21.62
N ALA A 56 4.32 -9.01 -21.94
CA ALA A 56 4.70 -10.41 -21.78
C ALA A 56 4.46 -11.19 -23.06
N ILE A 57 5.36 -12.13 -23.34
CA ILE A 57 5.20 -13.02 -24.48
C ILE A 57 4.78 -14.35 -23.86
N VAL A 58 4.12 -15.19 -24.64
CA VAL A 58 3.57 -16.45 -24.17
C VAL A 58 4.04 -17.70 -24.96
N PHE A 59 4.30 -18.80 -24.25
CA PHE A 59 4.75 -20.03 -24.90
C PHE A 59 3.82 -21.22 -24.68
N ASP A 60 3.90 -22.20 -25.59
CA ASP A 60 3.10 -23.42 -25.43
C ASP A 60 4.02 -24.50 -24.81
N LYS A 61 3.49 -25.70 -24.58
CA LYS A 61 4.30 -26.78 -23.97
C LYS A 61 5.58 -27.18 -24.71
N ASN A 62 5.68 -26.83 -25.99
CA ASN A 62 6.85 -27.17 -26.78
C ASN A 62 7.81 -26.00 -26.91
N ALA A 63 7.60 -25.00 -26.07
CA ALA A 63 8.44 -23.80 -26.05
C ALA A 63 8.34 -23.01 -27.34
N GLN A 64 7.18 -23.07 -27.97
CA GLN A 64 6.97 -22.28 -29.17
C GLN A 64 6.11 -21.10 -28.76
N ARG A 65 6.46 -19.92 -29.26
CA ARG A 65 5.68 -18.74 -28.95
C ARG A 65 4.29 -18.71 -29.54
N ILE A 66 3.36 -18.18 -28.76
CA ILE A 66 2.01 -18.04 -29.23
C ILE A 66 1.81 -16.58 -29.57
N VAL A 67 1.21 -16.31 -30.73
CA VAL A 67 0.99 -14.93 -31.15
C VAL A 67 -0.47 -14.54 -31.17
N ALA A 68 -1.33 -15.54 -31.32
CA ALA A 68 -2.75 -15.30 -31.35
C ALA A 68 -3.47 -16.40 -30.57
N TYR A 69 -4.33 -16.00 -29.64
CA TYR A 69 -5.08 -16.95 -28.86
C TYR A 69 -6.34 -16.27 -28.34
N LYS A 70 -7.48 -16.74 -28.81
CA LYS A 70 -8.74 -16.15 -28.39
C LYS A 70 -8.96 -16.31 -26.89
N GLU A 71 -9.44 -15.23 -26.27
CA GLU A 71 -9.71 -15.20 -24.84
C GLU A 71 -10.34 -16.49 -24.33
N LYS A 72 -9.80 -17.02 -23.23
CA LYS A 72 -10.33 -18.23 -22.60
C LYS A 72 -10.20 -18.08 -21.09
N SER A 73 -11.28 -18.39 -20.38
CA SER A 73 -11.32 -18.29 -18.93
C SER A 73 -11.35 -19.67 -18.29
N VAL A 74 -10.96 -19.72 -17.02
CA VAL A 74 -10.98 -20.96 -16.27
C VAL A 74 -11.33 -20.64 -14.83
N LYS A 75 -12.27 -21.40 -14.29
CA LYS A 75 -12.72 -21.23 -12.92
C LYS A 75 -11.91 -22.16 -12.03
N ALA A 76 -11.31 -21.60 -10.99
CA ALA A 76 -10.52 -22.38 -10.04
C ALA A 76 -11.39 -22.83 -8.88
N GLU A 77 -10.84 -23.73 -8.07
CA GLU A 77 -11.56 -24.23 -6.91
C GLU A 77 -11.83 -23.04 -5.98
N ASP A 78 -10.86 -22.13 -5.97
CA ASP A 78 -10.89 -20.92 -5.16
C ASP A 78 -12.07 -20.01 -5.51
N GLY A 79 -12.60 -20.19 -6.71
CA GLY A 79 -13.71 -19.37 -7.16
C GLY A 79 -13.14 -18.30 -8.07
N SER A 80 -11.83 -18.11 -7.98
CA SER A 80 -11.15 -17.13 -8.81
C SER A 80 -11.15 -17.60 -10.26
N VAL A 81 -11.08 -16.66 -11.18
CA VAL A 81 -11.08 -16.98 -12.59
C VAL A 81 -9.73 -16.65 -13.22
N SER A 82 -9.28 -17.51 -14.10
CA SER A 82 -8.02 -17.30 -14.81
C SER A 82 -8.39 -17.04 -16.28
N VAL A 83 -7.89 -15.95 -16.83
CA VAL A 83 -8.15 -15.60 -18.21
C VAL A 83 -6.85 -15.41 -18.99
N VAL A 84 -6.80 -15.95 -20.20
CA VAL A 84 -5.61 -15.82 -21.03
C VAL A 84 -6.06 -15.40 -22.41
N GLN A 85 -5.32 -14.47 -23.00
CA GLN A 85 -5.63 -14.00 -24.33
C GLN A 85 -4.37 -13.45 -24.96
N VAL A 86 -4.01 -13.98 -26.11
CA VAL A 86 -2.82 -13.51 -26.79
C VAL A 86 -3.21 -12.84 -28.09
N GLU A 87 -2.56 -11.72 -28.39
CA GLU A 87 -2.83 -10.97 -29.60
C GLU A 87 -1.58 -10.22 -30.08
N ASN A 88 -1.26 -10.37 -31.35
CA ASN A 88 -0.09 -9.70 -31.91
C ASN A 88 1.18 -10.08 -31.19
N GLY A 89 1.27 -11.34 -30.77
CA GLY A 89 2.46 -11.80 -30.09
C GLY A 89 2.58 -11.44 -28.62
N PHE A 90 1.60 -10.73 -28.07
CA PHE A 90 1.67 -10.35 -26.66
C PHE A 90 0.44 -10.70 -25.87
N MET A 91 0.65 -11.01 -24.59
CA MET A 91 -0.45 -11.35 -23.71
C MET A 91 -1.40 -10.17 -23.61
N LYS A 92 -2.66 -10.39 -23.94
CA LYS A 92 -3.64 -9.32 -23.85
C LYS A 92 -4.29 -9.46 -22.48
N GLN A 93 -4.47 -10.70 -22.05
CA GLN A 93 -5.05 -10.98 -20.74
C GLN A 93 -4.35 -12.18 -20.17
N GLY A 94 -4.06 -12.10 -18.88
CA GLY A 94 -3.41 -13.18 -18.17
C GLY A 94 -2.44 -12.60 -17.16
N HIS A 95 -1.48 -13.41 -16.76
CA HIS A 95 -0.49 -12.97 -15.81
C HIS A 95 0.85 -13.57 -16.18
N ARG A 96 1.93 -13.00 -15.66
CA ARG A 96 3.24 -13.54 -15.91
C ARG A 96 3.31 -14.85 -15.09
N GLY A 97 4.17 -15.79 -15.50
CA GLY A 97 4.31 -17.05 -14.80
C GLY A 97 3.65 -18.19 -15.52
N TRP A 98 3.45 -19.32 -14.82
CA TRP A 98 2.83 -20.50 -15.40
C TRP A 98 1.34 -20.25 -15.59
N LEU A 99 0.83 -20.62 -16.76
CA LEU A 99 -0.57 -20.40 -17.08
C LEU A 99 -1.44 -21.63 -16.85
N VAL A 100 -0.80 -22.76 -16.55
CA VAL A 100 -1.50 -23.98 -16.22
C VAL A 100 -0.99 -24.31 -14.83
N ASP A 101 -1.83 -24.95 -14.03
CA ASP A 101 -1.47 -25.30 -12.66
C ASP A 101 -0.54 -26.49 -12.57
N LEU A 102 0.68 -26.26 -12.10
CA LEU A 102 1.69 -27.31 -11.96
C LEU A 102 1.75 -27.83 -10.53
N THR A 103 1.18 -27.07 -9.60
CA THR A 103 1.24 -27.37 -8.18
C THR A 103 -0.03 -27.81 -7.46
N GLY A 104 -1.15 -27.16 -7.75
CA GLY A 104 -2.39 -27.50 -7.08
C GLY A 104 -2.34 -27.04 -5.64
N GLU A 105 -2.64 -27.94 -4.71
CA GLU A 105 -2.62 -27.61 -3.28
C GLU A 105 -1.21 -27.60 -2.72
N LEU A 106 -0.29 -28.28 -3.38
CA LEU A 106 1.08 -28.34 -2.93
C LEU A 106 1.91 -27.15 -3.38
N VAL A 107 1.91 -26.08 -2.57
CA VAL A 107 2.64 -24.88 -2.90
C VAL A 107 3.58 -24.55 -1.78
N GLY A 108 4.53 -23.65 -2.05
CA GLY A 108 5.48 -23.25 -1.03
C GLY A 108 6.61 -24.25 -0.85
N CYS A 109 6.87 -25.07 -1.88
CA CYS A 109 7.96 -26.03 -1.79
C CYS A 109 9.22 -25.53 -2.53
N SER A 110 10.31 -26.24 -2.29
CA SER A 110 11.61 -26.05 -2.91
C SER A 110 11.93 -27.50 -3.30
N PRO A 111 11.16 -28.05 -4.25
CA PRO A 111 11.33 -29.43 -4.72
C PRO A 111 12.78 -29.84 -4.99
N VAL A 112 13.22 -30.93 -4.37
CA VAL A 112 14.58 -31.39 -4.58
C VAL A 112 14.82 -31.61 -6.06
N VAL A 113 15.86 -30.95 -6.57
CA VAL A 113 16.17 -31.07 -7.99
C VAL A 113 17.27 -32.08 -8.26
N ALA A 114 18.12 -32.31 -7.28
CA ALA A 114 19.19 -33.26 -7.42
C ALA A 114 19.93 -33.42 -6.11
N GLU A 115 20.78 -34.42 -6.07
CA GLU A 115 21.57 -34.70 -4.89
C GLU A 115 22.98 -34.94 -5.38
N PHE A 116 23.95 -34.32 -4.73
CA PHE A 116 25.33 -34.48 -5.14
C PHE A 116 26.23 -34.21 -3.97
N GLY A 117 27.27 -35.02 -3.82
CA GLY A 117 28.22 -34.83 -2.74
C GLY A 117 27.62 -34.89 -1.35
N GLY A 118 26.56 -35.67 -1.18
CA GLY A 118 25.95 -35.77 0.13
C GLY A 118 24.97 -34.66 0.48
N HIS A 119 24.63 -33.83 -0.50
CA HIS A 119 23.68 -32.77 -0.24
C HIS A 119 22.56 -32.72 -1.26
N ARG A 120 21.39 -32.34 -0.80
CA ARG A 120 20.26 -32.19 -1.66
C ARG A 120 20.21 -30.72 -2.06
N TYR A 121 19.89 -30.46 -3.32
CA TYR A 121 19.79 -29.11 -3.85
C TYR A 121 18.35 -28.84 -4.27
N ALA A 122 17.89 -27.63 -3.98
CA ALA A 122 16.54 -27.25 -4.33
C ALA A 122 16.40 -26.80 -5.76
N SER A 123 15.19 -26.94 -6.27
CA SER A 123 14.88 -26.43 -7.60
C SER A 123 14.66 -24.92 -7.30
N GLY A 124 14.34 -24.15 -8.32
CA GLY A 124 14.15 -22.73 -8.09
C GLY A 124 15.36 -22.01 -8.62
N MET A 125 15.51 -20.76 -8.20
CA MET A 125 16.63 -19.98 -8.67
C MET A 125 17.77 -19.94 -7.67
N VAL A 126 18.97 -20.18 -8.20
CA VAL A 126 20.21 -20.15 -7.46
C VAL A 126 21.10 -19.04 -8.00
N ILE A 127 21.40 -18.05 -7.17
CA ILE A 127 22.28 -16.99 -7.61
C ILE A 127 23.66 -17.23 -6.99
N VAL A 128 24.65 -17.20 -7.87
CA VAL A 128 26.05 -17.39 -7.52
C VAL A 128 26.64 -15.98 -7.59
N THR A 129 27.03 -15.49 -6.43
CA THR A 129 27.58 -14.14 -6.36
C THR A 129 28.63 -14.02 -5.24
N GLY A 130 29.02 -12.78 -4.95
CA GLY A 130 30.00 -12.50 -3.91
C GLY A 130 31.24 -11.74 -4.37
N LYS A 131 32.20 -11.60 -3.44
CA LYS A 131 33.48 -10.93 -3.68
C LYS A 131 33.84 -10.86 -5.16
N GLY A 132 33.47 -9.75 -5.78
CA GLY A 132 33.70 -9.52 -7.20
C GLY A 132 34.86 -10.16 -7.96
N ASN A 133 34.74 -10.14 -9.29
CA ASN A 133 35.72 -10.69 -10.23
C ASN A 133 36.39 -12.00 -9.80
N SER A 134 35.59 -12.95 -9.34
CA SER A 134 36.11 -14.26 -8.91
C SER A 134 35.81 -15.28 -10.01
N GLY A 135 35.72 -16.55 -9.63
CA GLY A 135 35.43 -17.55 -10.62
C GLY A 135 33.98 -18.00 -10.63
N LYS A 136 33.06 -17.04 -10.80
CA LYS A 136 31.64 -17.37 -10.84
C LYS A 136 31.29 -18.23 -12.08
N THR A 137 31.84 -17.86 -13.22
CA THR A 137 31.53 -18.61 -14.42
C THR A 137 31.91 -20.09 -14.32
N PRO A 138 33.13 -20.39 -13.86
CA PRO A 138 33.50 -21.81 -13.76
C PRO A 138 32.61 -22.54 -12.76
N LEU A 139 32.21 -21.83 -11.71
CA LEU A 139 31.37 -22.40 -10.69
C LEU A 139 29.96 -22.74 -11.19
N VAL A 140 29.30 -21.82 -11.92
CA VAL A 140 27.97 -22.14 -12.38
C VAL A 140 28.00 -23.35 -13.32
N HIS A 141 29.05 -23.47 -14.12
CA HIS A 141 29.18 -24.61 -15.01
C HIS A 141 29.42 -25.94 -14.30
N ALA A 142 30.26 -25.91 -13.27
CA ALA A 142 30.52 -27.14 -12.52
C ALA A 142 29.20 -27.55 -11.83
N LEU A 143 28.50 -26.59 -11.23
CA LEU A 143 27.24 -26.88 -10.57
C LEU A 143 26.23 -27.42 -11.57
N GLY A 144 26.26 -26.87 -12.79
CA GLY A 144 25.35 -27.31 -13.82
C GLY A 144 25.56 -28.78 -14.15
N GLU A 145 26.83 -29.14 -14.37
CA GLU A 145 27.17 -30.49 -14.70
C GLU A 145 26.86 -31.44 -13.56
N ALA A 146 27.21 -31.03 -12.35
CA ALA A 146 26.99 -31.87 -11.20
C ALA A 146 25.51 -32.09 -10.89
N LEU A 147 24.70 -31.03 -10.99
CA LEU A 147 23.28 -31.19 -10.71
C LEU A 147 22.58 -31.92 -11.85
N GLY A 148 23.14 -31.76 -13.05
CA GLY A 148 22.60 -32.43 -14.22
C GLY A 148 22.68 -33.92 -13.97
N GLY A 149 23.79 -34.37 -13.41
CA GLY A 149 23.98 -35.77 -13.09
C GLY A 149 24.00 -36.59 -14.36
N LYS A 150 22.97 -37.39 -14.58
CA LYS A 150 22.87 -38.20 -15.80
C LYS A 150 22.49 -37.36 -17.02
N ASP A 151 21.90 -36.20 -16.80
CA ASP A 151 21.45 -35.38 -17.91
C ASP A 151 22.37 -34.22 -18.19
N LYS A 152 22.22 -33.66 -19.38
CA LYS A 152 23.01 -32.50 -19.78
C LYS A 152 22.33 -31.27 -19.15
N TYR A 153 23.09 -30.20 -18.92
CA TYR A 153 22.47 -28.99 -18.38
C TYR A 153 22.41 -27.99 -19.52
N ALA A 154 21.46 -27.07 -19.43
CA ALA A 154 21.26 -26.07 -20.47
C ALA A 154 21.92 -24.76 -20.08
N THR A 155 22.65 -24.17 -21.04
CA THR A 155 23.34 -22.92 -20.81
C THR A 155 22.74 -21.74 -21.56
N VAL A 156 22.33 -20.72 -20.81
CA VAL A 156 21.77 -19.51 -21.39
C VAL A 156 22.85 -18.44 -21.27
N ARG A 157 23.35 -17.95 -22.41
CA ARG A 157 24.39 -16.91 -22.35
C ARG A 157 23.82 -15.52 -22.59
N PHE A 158 24.30 -14.55 -21.82
CA PHE A 158 23.78 -13.22 -21.93
C PHE A 158 24.64 -12.12 -21.37
N GLY A 159 24.74 -11.03 -22.14
CA GLY A 159 25.44 -9.82 -21.72
C GLY A 159 26.88 -9.81 -21.30
N GLU A 160 27.73 -10.58 -21.98
CA GLU A 160 29.18 -10.59 -21.71
C GLU A 160 29.79 -10.23 -23.07
N PRO A 161 30.91 -9.48 -23.07
CA PRO A 161 31.55 -9.10 -24.34
C PRO A 161 32.41 -10.21 -24.90
N LEU A 162 31.76 -11.34 -25.20
CA LEU A 162 32.46 -12.53 -25.73
C LEU A 162 31.73 -13.03 -26.95
N SER A 163 32.41 -13.82 -27.79
CA SER A 163 31.79 -14.28 -29.01
C SER A 163 30.50 -15.04 -28.85
N GLY A 164 29.58 -14.83 -29.78
CA GLY A 164 28.30 -15.53 -29.75
C GLY A 164 27.34 -15.20 -28.61
N TYR A 165 27.65 -14.17 -27.81
CA TYR A 165 26.77 -13.82 -26.69
C TYR A 165 25.63 -12.88 -27.05
N ASN A 166 24.40 -13.34 -26.85
CA ASN A 166 23.25 -12.47 -27.07
C ASN A 166 23.33 -11.36 -25.99
N THR A 167 22.95 -10.13 -26.34
CA THR A 167 22.94 -9.02 -25.37
C THR A 167 21.60 -8.30 -25.45
N ASP A 168 20.65 -8.90 -26.16
CA ASP A 168 19.31 -8.36 -26.32
C ASP A 168 18.38 -9.04 -25.30
N PHE A 169 17.80 -8.24 -24.40
CA PHE A 169 16.98 -8.80 -23.35
C PHE A 169 15.83 -9.66 -23.82
N ASN A 170 15.22 -9.29 -24.92
CA ASN A 170 14.11 -10.09 -25.36
C ASN A 170 14.50 -11.48 -25.87
N VAL A 171 15.72 -11.64 -26.38
CA VAL A 171 16.17 -12.96 -26.82
C VAL A 171 16.47 -13.75 -25.53
N PHE A 172 17.00 -13.05 -24.54
CA PHE A 172 17.32 -13.63 -23.26
C PHE A 172 16.11 -14.32 -22.58
N VAL A 173 14.97 -13.63 -22.46
CA VAL A 173 13.81 -14.24 -21.83
C VAL A 173 13.26 -15.37 -22.68
N ASP A 174 13.47 -15.28 -23.99
CA ASP A 174 13.05 -16.34 -24.87
C ASP A 174 13.89 -17.61 -24.54
N ASP A 175 15.19 -17.44 -24.34
CA ASP A 175 16.07 -18.57 -24.02
C ASP A 175 15.69 -19.18 -22.65
N ILE A 176 15.43 -18.32 -21.67
CA ILE A 176 15.07 -18.74 -20.33
C ILE A 176 13.78 -19.53 -20.34
N ALA A 177 12.80 -19.03 -21.08
CA ALA A 177 11.52 -19.70 -21.17
C ALA A 177 11.68 -21.12 -21.76
N ARG A 178 12.42 -21.22 -22.86
CA ARG A 178 12.64 -22.50 -23.50
C ARG A 178 13.39 -23.41 -22.55
N ALA A 179 14.42 -22.86 -21.91
CA ALA A 179 15.21 -23.64 -20.96
C ALA A 179 14.33 -24.26 -19.85
N MET A 180 13.50 -23.46 -19.21
CA MET A 180 12.67 -23.99 -18.15
C MET A 180 11.60 -24.96 -18.64
N LEU A 181 11.13 -24.76 -19.86
CA LEU A 181 10.12 -25.67 -20.37
C LEU A 181 10.74 -27.01 -20.74
N GLN A 182 12.03 -27.01 -21.04
CA GLN A 182 12.65 -28.27 -21.48
C GLN A 182 13.75 -28.95 -20.67
N HIS A 183 14.33 -28.29 -19.69
CA HIS A 183 15.40 -28.91 -18.93
C HIS A 183 15.31 -28.71 -17.42
N ARG A 184 15.79 -29.69 -16.69
CA ARG A 184 15.79 -29.65 -15.26
C ARG A 184 16.95 -28.80 -14.74
N VAL A 185 18.07 -28.72 -15.44
CA VAL A 185 19.18 -27.92 -14.91
C VAL A 185 19.59 -26.85 -15.92
N ILE A 186 19.48 -25.60 -15.48
CA ILE A 186 19.77 -24.47 -16.34
C ILE A 186 20.80 -23.50 -15.76
N VAL A 187 21.72 -23.08 -16.59
CA VAL A 187 22.76 -22.16 -16.18
C VAL A 187 22.57 -20.86 -16.95
N ILE A 188 22.62 -19.74 -16.24
CA ILE A 188 22.47 -18.47 -16.90
C ILE A 188 23.78 -17.78 -16.65
N ASP A 189 24.55 -17.54 -17.70
CA ASP A 189 25.79 -16.87 -17.45
C ASP A 189 25.63 -15.41 -17.70
N SER A 190 25.49 -14.79 -16.54
CA SER A 190 25.35 -13.39 -16.28
C SER A 190 23.99 -12.74 -16.33
N LEU A 191 23.60 -12.38 -15.12
CA LEU A 191 22.39 -11.66 -14.80
C LEU A 191 22.90 -10.22 -14.73
N LYS A 192 24.09 -10.00 -15.26
CA LYS A 192 24.74 -8.68 -15.27
C LYS A 192 23.90 -7.60 -15.92
N ASN A 193 23.68 -7.74 -17.21
CA ASN A 193 22.90 -6.75 -17.93
C ASN A 193 21.51 -6.60 -17.32
N VAL A 194 21.03 -7.62 -16.63
CA VAL A 194 19.68 -7.50 -16.05
C VAL A 194 19.59 -6.50 -14.88
N ILE A 195 20.27 -6.77 -13.76
CA ILE A 195 20.23 -5.84 -12.64
C ILE A 195 21.11 -4.63 -12.94
N ILE A 207 16.92 0.12 -14.23
CA ILE A 207 16.58 -1.24 -14.63
C ILE A 207 15.25 -1.29 -15.39
N SER A 208 15.22 -2.05 -16.49
CA SER A 208 13.99 -2.18 -17.31
C SER A 208 12.90 -2.92 -16.52
N ARG A 209 11.66 -2.76 -16.98
CA ARG A 209 10.52 -3.42 -16.36
C ARG A 209 10.61 -4.93 -16.58
N GLY A 210 11.04 -5.32 -17.78
CA GLY A 210 11.16 -6.73 -18.08
C GLY A 210 12.17 -7.35 -17.15
N ALA A 211 13.29 -6.64 -16.98
CA ALA A 211 14.37 -7.10 -16.13
C ALA A 211 13.90 -7.26 -14.70
N PHE A 212 13.18 -6.24 -14.22
CA PHE A 212 12.66 -6.26 -12.86
C PHE A 212 11.65 -7.41 -12.72
N ASP A 213 10.85 -7.64 -13.76
CA ASP A 213 9.86 -8.71 -13.77
C ASP A 213 10.58 -10.05 -13.60
N LEU A 214 11.69 -10.23 -14.32
CA LEU A 214 12.49 -11.48 -14.30
C LEU A 214 13.03 -11.81 -12.92
N LEU A 215 13.61 -10.82 -12.27
CA LEU A 215 14.15 -11.04 -10.94
C LEU A 215 13.04 -11.50 -10.01
N SER A 216 11.87 -10.90 -10.21
CA SER A 216 10.69 -11.19 -9.40
C SER A 216 9.99 -12.51 -9.72
N ASP A 217 10.11 -12.97 -10.96
CA ASP A 217 9.38 -14.17 -11.33
C ASP A 217 10.14 -15.48 -11.48
N ILE A 218 11.38 -15.38 -11.90
CA ILE A 218 12.16 -16.56 -12.19
C ILE A 218 12.24 -17.64 -11.11
N GLY A 219 12.46 -17.24 -9.84
CA GLY A 219 12.54 -18.22 -8.78
C GLY A 219 11.28 -19.06 -8.62
N ALA A 220 10.14 -18.37 -8.59
CA ALA A 220 8.86 -19.02 -8.45
C ALA A 220 8.57 -19.89 -9.71
N MET A 221 8.85 -19.39 -10.90
CA MET A 221 8.64 -20.20 -12.09
C MET A 221 9.44 -21.52 -12.04
N ALA A 222 10.72 -21.45 -11.66
CA ALA A 222 11.58 -22.64 -11.61
C ALA A 222 11.17 -23.61 -10.53
N ALA A 223 10.91 -23.07 -9.35
CA ALA A 223 10.49 -23.87 -8.19
C ALA A 223 9.21 -24.63 -8.50
N SER A 224 8.29 -23.97 -9.23
CA SER A 224 7.01 -24.58 -9.60
C SER A 224 7.24 -25.70 -10.61
N ARG A 225 8.20 -25.50 -11.50
CA ARG A 225 8.52 -26.51 -12.51
C ARG A 225 9.34 -27.61 -11.89
N GLY A 226 10.16 -27.25 -10.90
CA GLY A 226 11.03 -28.23 -10.28
C GLY A 226 12.36 -28.27 -11.05
N CYS A 227 12.70 -27.21 -11.78
CA CYS A 227 13.98 -27.19 -12.51
C CYS A 227 15.26 -26.56 -11.96
N VAL A 228 15.28 -25.46 -11.27
CA VAL A 228 16.66 -24.90 -10.90
C VAL A 228 17.49 -24.18 -11.99
N VAL A 229 17.62 -22.88 -11.79
CA VAL A 229 18.33 -21.96 -12.66
C VAL A 229 19.54 -21.47 -11.85
N ILE A 230 20.73 -21.71 -12.37
CA ILE A 230 21.97 -21.35 -11.70
C ILE A 230 22.52 -20.13 -12.44
N ALA A 231 22.33 -18.97 -11.82
CA ALA A 231 22.68 -17.69 -12.41
C ALA A 231 23.84 -16.96 -11.79
N SER A 232 24.78 -16.62 -12.64
CA SER A 232 25.95 -15.87 -12.26
C SER A 232 25.57 -14.41 -12.08
N LEU A 233 26.03 -13.81 -10.99
CA LEU A 233 25.82 -12.39 -10.76
C LEU A 233 27.13 -11.79 -10.23
N ASN A 234 27.90 -11.24 -11.15
CA ASN A 234 29.17 -10.64 -10.79
C ASN A 234 28.88 -9.19 -10.49
N PRO A 235 28.98 -8.77 -9.22
CA PRO A 235 28.70 -7.36 -8.93
C PRO A 235 29.70 -6.45 -9.64
N THR A 236 29.24 -5.82 -10.72
CA THR A 236 30.06 -4.90 -11.51
C THR A 236 30.27 -3.66 -10.67
N SER A 237 29.37 -3.52 -9.69
CA SER A 237 29.40 -2.41 -8.77
C SER A 237 30.74 -2.41 -8.05
N ASN A 238 30.95 -1.39 -7.21
CA ASN A 238 32.19 -1.28 -6.46
C ASN A 238 32.53 -2.62 -5.83
N ASP A 239 33.72 -2.71 -5.26
CA ASP A 239 34.12 -3.92 -4.59
C ASP A 239 34.15 -3.50 -3.12
N ASP A 240 33.14 -2.71 -2.76
CA ASP A 240 32.97 -2.15 -1.42
C ASP A 240 32.07 -3.04 -0.54
N LYS A 241 30.97 -2.46 -0.07
CA LYS A 241 30.00 -3.15 0.75
C LYS A 241 28.69 -3.01 0.01
N ILE A 242 28.83 -2.80 -1.30
CA ILE A 242 27.70 -2.69 -2.20
C ILE A 242 27.41 -4.15 -2.51
N VAL A 243 28.44 -4.99 -2.30
CA VAL A 243 28.34 -6.42 -2.50
C VAL A 243 27.40 -7.00 -1.44
N GLU A 244 27.24 -6.26 -0.35
CA GLU A 244 26.33 -6.69 0.71
C GLU A 244 24.90 -6.45 0.23
N LEU A 245 24.69 -5.35 -0.48
CA LEU A 245 23.36 -5.03 -1.04
C LEU A 245 23.02 -6.01 -2.16
N VAL A 246 24.02 -6.34 -2.98
CA VAL A 246 23.80 -7.28 -4.06
C VAL A 246 23.41 -8.61 -3.43
N LYS A 247 24.21 -9.09 -2.48
CA LYS A 247 23.92 -10.33 -1.79
C LYS A 247 22.49 -10.28 -1.23
N GLU A 248 22.14 -9.14 -0.64
CA GLU A 248 20.82 -8.91 -0.05
C GLU A 248 19.72 -9.08 -1.08
N ALA A 249 19.85 -8.37 -2.19
CA ALA A 249 18.86 -8.44 -3.26
C ALA A 249 18.77 -9.87 -3.78
N SER A 250 19.92 -10.54 -3.81
CA SER A 250 20.00 -11.90 -4.26
C SER A 250 19.31 -12.86 -3.30
N ARG A 251 19.59 -12.73 -2.01
CA ARG A 251 18.96 -13.61 -1.02
C ARG A 251 17.46 -13.56 -1.19
N SER A 252 16.98 -12.34 -1.35
CA SER A 252 15.56 -12.08 -1.48
C SER A 252 14.83 -12.71 -2.64
N ASN A 253 15.46 -12.78 -3.81
CA ASN A 253 14.76 -13.35 -4.95
C ASN A 253 15.29 -14.72 -5.34
N SER A 254 16.08 -15.32 -4.47
CA SER A 254 16.66 -16.62 -4.75
C SER A 254 16.13 -17.70 -3.83
N THR A 255 15.99 -18.90 -4.38
CA THR A 255 15.58 -20.02 -3.58
C THR A 255 16.82 -20.45 -2.80
N SER A 256 17.98 -20.39 -3.46
CA SER A 256 19.28 -20.73 -2.86
C SER A 256 20.31 -19.66 -3.27
N LEU A 257 21.31 -19.46 -2.42
CA LEU A 257 22.38 -18.51 -2.66
C LEU A 257 23.72 -19.24 -2.59
N VAL A 258 24.64 -18.88 -3.47
CA VAL A 258 25.97 -19.48 -3.44
C VAL A 258 26.93 -18.30 -3.48
N ILE A 259 27.65 -18.09 -2.38
CA ILE A 259 28.56 -16.96 -2.26
C ILE A 259 30.01 -17.36 -2.06
N SER A 260 30.90 -16.59 -2.65
CA SER A 260 32.34 -16.83 -2.52
C SER A 260 32.78 -16.45 -1.10
N THR A 261 33.87 -17.04 -0.63
CA THR A 261 34.39 -16.74 0.70
C THR A 261 35.83 -16.23 0.58
N ASP A 262 36.43 -15.95 1.72
CA ASP A 262 37.80 -15.47 1.76
C ASP A 262 38.81 -16.61 1.47
N VAL A 263 38.30 -17.85 1.39
CA VAL A 263 39.15 -19.00 1.12
C VAL A 263 39.06 -19.41 -0.38
N ASP A 264 40.20 -19.40 -1.06
CA ASP A 264 40.22 -19.75 -2.46
C ASP A 264 39.50 -21.06 -2.82
N GLY A 265 38.68 -21.00 -3.87
CA GLY A 265 37.93 -22.17 -4.32
C GLY A 265 36.79 -22.61 -3.40
N GLU A 266 36.58 -21.90 -2.30
CA GLU A 266 35.50 -22.26 -1.38
C GLU A 266 34.29 -21.36 -1.54
N TRP A 267 33.12 -21.98 -1.49
CA TRP A 267 31.87 -21.30 -1.62
C TRP A 267 30.87 -21.81 -0.56
N GLN A 268 29.96 -20.95 -0.15
CA GLN A 268 28.95 -21.32 0.83
C GLN A 268 27.58 -21.39 0.14
N VAL A 269 26.85 -22.47 0.40
CA VAL A 269 25.54 -22.68 -0.19
C VAL A 269 24.46 -22.50 0.87
N LEU A 270 23.57 -21.56 0.62
CA LEU A 270 22.50 -21.28 1.56
C LEU A 270 21.20 -21.62 0.86
N THR A 271 20.47 -22.56 1.44
CA THR A 271 19.24 -23.05 0.83
C THR A 271 17.96 -22.87 1.61
N ARG A 272 16.94 -22.36 0.94
CA ARG A 272 15.62 -22.23 1.54
C ARG A 272 15.00 -23.57 1.16
N THR A 273 14.63 -24.38 2.16
CA THR A 273 14.08 -25.70 1.92
C THR A 273 12.58 -25.74 1.72
N GLY A 274 11.93 -24.60 1.91
CA GLY A 274 10.50 -24.52 1.72
C GLY A 274 9.92 -23.40 2.55
N GLU A 275 8.67 -23.08 2.29
CA GLU A 275 7.90 -22.03 2.98
C GLU A 275 7.94 -22.13 4.51
N GLY A 276 8.53 -21.14 5.16
CA GLY A 276 8.63 -21.16 6.60
C GLY A 276 9.52 -22.26 7.17
N LEU A 277 10.20 -23.01 6.29
CA LEU A 277 11.07 -24.09 6.75
C LEU A 277 12.49 -23.57 7.01
N GLN A 278 13.30 -24.43 7.58
CA GLN A 278 14.67 -24.07 7.93
C GLN A 278 15.57 -23.81 6.75
N ARG A 279 16.41 -22.79 6.89
CA ARG A 279 17.35 -22.46 5.84
C ARG A 279 18.60 -23.30 6.16
N LEU A 280 19.16 -23.97 5.17
CA LEU A 280 20.33 -24.80 5.37
C LEU A 280 21.56 -24.20 4.76
N THR A 281 22.72 -24.62 5.24
CA THR A 281 23.97 -24.13 4.72
C THR A 281 25.00 -25.25 4.70
N HIS A 282 25.80 -25.31 3.65
CA HIS A 282 26.89 -26.27 3.57
C HIS A 282 27.97 -25.60 2.73
N THR A 283 29.15 -26.18 2.75
CA THR A 283 30.27 -25.57 2.04
C THR A 283 30.73 -26.40 0.85
N LEU A 284 31.25 -25.71 -0.15
CA LEU A 284 31.75 -26.37 -1.34
C LEU A 284 33.26 -26.09 -1.55
N GLN A 285 34.05 -27.13 -1.80
CA GLN A 285 35.48 -26.97 -2.08
C GLN A 285 35.64 -27.25 -3.59
N THR A 286 36.43 -26.46 -4.28
CA THR A 286 36.57 -26.69 -5.71
C THR A 286 38.02 -26.51 -6.12
N SER A 287 38.34 -26.94 -7.34
CA SER A 287 39.68 -26.76 -7.87
C SER A 287 39.67 -26.77 -9.39
N TYR A 288 40.63 -26.11 -9.98
CA TYR A 288 40.71 -26.02 -11.43
C TYR A 288 41.50 -27.14 -12.07
N GLY A 289 41.10 -27.50 -13.28
CA GLY A 289 41.81 -28.50 -14.06
C GLY A 289 42.32 -27.78 -15.29
N GLU A 290 42.49 -28.51 -16.39
CA GLU A 290 42.96 -27.91 -17.64
C GLU A 290 41.87 -27.01 -18.27
N HIS A 291 42.30 -25.94 -18.93
CA HIS A 291 41.38 -25.02 -19.59
C HIS A 291 40.33 -24.45 -18.63
N SER A 292 40.73 -24.25 -17.38
CA SER A 292 39.87 -23.70 -16.36
C SER A 292 38.58 -24.49 -16.04
N VAL A 293 38.57 -25.77 -16.35
CA VAL A 293 37.40 -26.58 -16.03
C VAL A 293 37.45 -26.74 -14.52
N LEU A 294 36.37 -26.35 -13.84
CA LEU A 294 36.34 -26.46 -12.38
C LEU A 294 35.69 -27.75 -11.90
N THR A 295 36.24 -28.35 -10.87
CA THR A 295 35.67 -29.55 -10.28
C THR A 295 35.30 -29.29 -8.83
N ILE A 296 34.08 -29.68 -8.47
CA ILE A 296 33.60 -29.54 -7.09
C ILE A 296 33.94 -30.83 -6.37
N HIS A 297 34.75 -30.75 -5.32
CA HIS A 297 35.12 -31.94 -4.55
C HIS A 297 33.93 -32.53 -3.79
N THR A 298 33.87 -33.85 -3.76
CA THR A 298 32.79 -34.53 -3.07
C THR A 298 33.32 -35.21 -1.82
N SER A 299 33.69 -36.47 -1.98
CA SER A 299 34.20 -37.30 -0.88
C SER A 299 35.70 -37.02 -0.69
N MET B 1 -17.98 9.83 3.92
CA MET B 1 -18.52 11.21 3.84
C MET B 1 -18.00 12.03 5.02
N ILE B 2 -18.44 13.26 5.14
CA ILE B 2 -18.02 14.07 6.27
C ILE B 2 -19.05 13.90 7.37
N HIS B 3 -18.63 14.17 8.60
CA HIS B 3 -19.51 14.07 9.74
C HIS B 3 -19.40 15.32 10.60
N LEU B 4 -20.52 15.73 11.17
CA LEU B 4 -20.53 16.91 12.02
C LEU B 4 -20.65 16.49 13.48
N TYR B 5 -20.01 17.23 14.36
CA TYR B 5 -20.07 16.92 15.77
C TYR B 5 -20.05 18.17 16.63
N ASP B 6 -20.64 18.01 17.81
CA ASP B 6 -20.57 19.02 18.85
C ASP B 6 -19.99 18.18 20.00
N ALA B 7 -19.73 18.79 21.15
CA ALA B 7 -19.15 18.03 22.25
C ALA B 7 -19.87 16.73 22.58
N LYS B 8 -21.19 16.81 22.69
CA LYS B 8 -21.99 15.68 23.02
C LYS B 8 -21.94 14.51 22.04
N SER B 9 -22.14 14.78 20.74
CA SER B 9 -22.13 13.70 19.76
C SER B 9 -20.72 13.16 19.60
N PHE B 10 -19.71 14.00 19.82
CA PHE B 10 -18.33 13.53 19.74
C PHE B 10 -18.07 12.55 20.89
N ALA B 11 -18.52 12.88 22.08
CA ALA B 11 -18.30 11.97 23.20
C ALA B 11 -19.01 10.63 22.92
N LYS B 12 -20.19 10.67 22.29
CA LYS B 12 -20.89 9.42 22.00
C LYS B 12 -20.08 8.58 21.00
N LEU B 13 -19.52 9.25 19.98
CA LEU B 13 -18.72 8.58 18.96
C LEU B 13 -17.52 7.85 19.60
N ARG B 14 -16.78 8.56 20.44
CA ARG B 14 -15.64 7.96 21.09
C ARG B 14 -16.05 6.77 21.95
N ALA B 15 -17.19 6.88 22.65
CA ALA B 15 -17.64 5.77 23.47
C ALA B 15 -17.91 4.54 22.54
N ALA B 16 -18.57 4.78 21.42
CA ALA B 16 -18.89 3.70 20.51
C ALA B 16 -17.60 3.11 19.90
N GLN B 17 -16.64 3.97 19.57
CA GLN B 17 -15.41 3.45 18.99
C GLN B 17 -14.68 2.63 20.04
N TYR B 18 -14.71 3.12 21.29
CA TYR B 18 -14.08 2.40 22.34
C TYR B 18 -14.72 1.03 22.48
N ALA B 19 -16.06 0.96 22.47
CA ALA B 19 -16.77 -0.31 22.59
C ALA B 19 -16.47 -1.27 21.42
N ALA B 20 -16.29 -0.72 20.22
CA ALA B 20 -16.03 -1.53 19.02
C ALA B 20 -14.81 -2.40 19.16
N PHE B 21 -13.85 -1.95 19.97
CA PHE B 21 -12.68 -2.76 20.20
C PHE B 21 -12.74 -3.52 21.53
N HIS B 22 -13.04 -2.78 22.59
CA HIS B 22 -13.03 -3.32 23.95
C HIS B 22 -14.16 -4.21 24.45
N THR B 23 -15.41 -3.91 24.10
CA THR B 23 -16.53 -4.68 24.62
C THR B 23 -17.42 -5.44 23.65
N ASP B 24 -17.38 -5.12 22.35
CA ASP B 24 -18.19 -5.85 21.36
C ASP B 24 -17.66 -7.30 21.32
N ALA B 25 -18.52 -8.23 20.96
CA ALA B 25 -18.10 -9.62 20.88
C ALA B 25 -17.12 -9.77 19.73
N PRO B 26 -16.01 -10.47 19.95
CA PRO B 26 -15.00 -10.65 18.89
C PRO B 26 -15.62 -11.20 17.62
N GLY B 27 -15.26 -10.56 16.49
CA GLY B 27 -15.74 -10.97 15.19
C GLY B 27 -17.17 -10.55 14.89
N SER B 28 -17.82 -9.85 15.83
CA SER B 28 -19.19 -9.42 15.61
C SER B 28 -19.31 -8.42 14.45
N TRP B 29 -18.32 -7.53 14.29
CA TRP B 29 -18.39 -6.54 13.21
C TRP B 29 -18.34 -7.24 11.86
N PHE B 30 -17.48 -8.25 11.75
CA PHE B 30 -17.35 -9.02 10.52
C PHE B 30 -18.71 -9.63 10.16
N ASP B 31 -19.35 -10.28 11.14
CA ASP B 31 -20.65 -10.90 10.90
C ASP B 31 -21.64 -9.84 10.45
N HIS B 32 -21.61 -8.67 11.11
CA HIS B 32 -22.48 -7.60 10.71
C HIS B 32 -22.27 -7.13 9.27
N THR B 33 -21.00 -6.92 8.87
CA THR B 33 -20.75 -6.47 7.50
C THR B 33 -21.04 -7.59 6.52
N SER B 34 -20.87 -8.83 6.94
CA SER B 34 -21.20 -9.93 6.01
C SER B 34 -22.70 -9.80 5.70
N GLY B 35 -23.46 -9.42 6.71
CA GLY B 35 -24.90 -9.25 6.57
C GLY B 35 -25.23 -8.12 5.63
N VAL B 36 -24.48 -7.04 5.75
CA VAL B 36 -24.70 -5.89 4.89
C VAL B 36 -24.38 -6.27 3.45
N LEU B 37 -23.31 -7.02 3.26
CA LEU B 37 -22.91 -7.42 1.93
C LEU B 37 -23.92 -8.33 1.25
N GLU B 38 -24.47 -9.30 2.00
CA GLU B 38 -25.41 -10.22 1.37
C GLU B 38 -26.74 -9.59 1.03
N SER B 39 -27.04 -8.44 1.64
CA SER B 39 -28.29 -7.75 1.39
C SER B 39 -28.10 -6.78 0.23
N VAL B 40 -26.91 -6.79 -0.36
CA VAL B 40 -26.62 -5.92 -1.48
C VAL B 40 -27.32 -6.47 -2.75
N GLU B 41 -27.98 -5.58 -3.50
CA GLU B 41 -28.65 -5.95 -4.75
C GLU B 41 -27.71 -6.79 -5.61
N ASP B 42 -28.20 -7.90 -6.14
CA ASP B 42 -27.35 -8.75 -6.96
C ASP B 42 -26.70 -7.91 -8.06
N GLY B 43 -25.43 -8.18 -8.35
CA GLY B 43 -24.73 -7.44 -9.39
C GLY B 43 -24.14 -6.11 -8.94
N THR B 44 -24.50 -5.64 -7.76
CA THR B 44 -23.97 -4.36 -7.29
C THR B 44 -22.48 -4.36 -6.96
N PRO B 45 -21.74 -3.36 -7.46
CA PRO B 45 -20.30 -3.25 -7.19
C PRO B 45 -20.15 -3.02 -5.67
N VAL B 46 -19.27 -3.78 -5.02
CA VAL B 46 -19.11 -3.59 -3.57
C VAL B 46 -17.69 -3.24 -3.19
N LEU B 47 -16.75 -3.55 -4.07
CA LEU B 47 -15.35 -3.29 -3.78
C LEU B 47 -14.53 -2.95 -5.02
N ALA B 48 -13.68 -1.95 -4.88
CA ALA B 48 -12.81 -1.53 -5.97
C ALA B 48 -11.39 -1.50 -5.38
N ILE B 49 -10.44 -2.04 -6.15
CA ILE B 49 -9.05 -2.09 -5.70
C ILE B 49 -8.15 -1.82 -6.89
N GLY B 50 -7.03 -1.15 -6.64
CA GLY B 50 -6.14 -0.81 -7.75
C GLY B 50 -5.22 -1.90 -8.25
N VAL B 51 -5.06 -1.98 -9.58
CA VAL B 51 -4.13 -2.94 -10.16
C VAL B 51 -2.82 -2.18 -10.38
N GLU B 52 -1.83 -2.88 -10.92
CA GLU B 52 -0.50 -2.32 -11.13
C GLU B 52 -0.46 -0.92 -11.77
N SER B 53 -1.20 -0.74 -12.85
CA SER B 53 -1.23 0.55 -13.54
C SER B 53 -1.77 1.74 -12.72
N GLY B 54 -2.66 1.47 -11.76
CA GLY B 54 -3.21 2.56 -10.98
C GLY B 54 -4.70 2.59 -11.24
N ASP B 55 -5.12 1.83 -12.26
CA ASP B 55 -6.53 1.71 -12.59
C ASP B 55 -7.10 0.79 -11.51
N ALA B 56 -8.41 0.66 -11.46
CA ALA B 56 -9.03 -0.19 -10.45
C ALA B 56 -9.98 -1.22 -11.06
N ILE B 57 -10.02 -2.40 -10.46
CA ILE B 57 -10.92 -3.45 -10.90
C ILE B 57 -11.99 -3.51 -9.82
N VAL B 58 -13.17 -3.99 -10.18
CA VAL B 58 -14.31 -3.99 -9.28
C VAL B 58 -14.96 -5.37 -9.03
N PHE B 59 -15.35 -5.65 -7.80
CA PHE B 59 -15.97 -6.95 -7.49
C PHE B 59 -17.40 -6.84 -6.91
N ASP B 60 -18.16 -7.92 -7.03
CA ASP B 60 -19.50 -7.94 -6.46
C ASP B 60 -19.42 -8.70 -5.12
N LYS B 61 -20.54 -8.81 -4.43
CA LYS B 61 -20.58 -9.50 -3.13
C LYS B 61 -20.07 -10.93 -3.11
N ASN B 62 -20.02 -11.57 -4.25
CA ASN B 62 -19.55 -12.96 -4.30
C ASN B 62 -18.10 -13.06 -4.76
N ALA B 63 -17.41 -11.92 -4.75
CA ALA B 63 -16.02 -11.82 -5.15
C ALA B 63 -15.83 -12.14 -6.61
N GLN B 64 -16.82 -11.83 -7.43
CA GLN B 64 -16.69 -12.04 -8.86
C GLN B 64 -16.46 -10.67 -9.48
N ARG B 65 -15.53 -10.59 -10.42
CA ARG B 65 -15.26 -9.31 -11.06
C ARG B 65 -16.37 -8.79 -11.94
N ILE B 66 -16.54 -7.48 -11.91
CA ILE B 66 -17.53 -6.85 -12.75
C ILE B 66 -16.76 -6.18 -13.87
N VAL B 67 -17.20 -6.38 -15.10
CA VAL B 67 -16.53 -5.78 -16.26
C VAL B 67 -17.35 -4.69 -16.95
N ALA B 68 -18.67 -4.75 -16.78
CA ALA B 68 -19.55 -3.75 -17.37
C ALA B 68 -20.63 -3.39 -16.35
N TYR B 69 -20.81 -2.09 -16.11
CA TYR B 69 -21.81 -1.63 -15.18
C TYR B 69 -22.17 -0.19 -15.53
N LYS B 70 -23.41 0.02 -15.98
CA LYS B 70 -23.85 1.35 -16.36
C LYS B 70 -23.82 2.30 -15.18
N GLU B 71 -23.32 3.51 -15.43
CA GLU B 71 -23.21 4.54 -14.41
C GLU B 71 -24.42 4.61 -13.47
N LYS B 72 -24.14 4.65 -12.18
CA LYS B 72 -25.20 4.75 -11.19
C LYS B 72 -24.72 5.65 -10.05
N SER B 73 -25.56 6.60 -9.66
CA SER B 73 -25.25 7.54 -8.60
C SER B 73 -26.07 7.26 -7.35
N VAL B 74 -25.55 7.72 -6.22
CA VAL B 74 -26.23 7.58 -4.94
C VAL B 74 -25.98 8.83 -4.10
N LYS B 75 -27.05 9.36 -3.52
CA LYS B 75 -26.98 10.56 -2.71
C LYS B 75 -26.83 10.12 -1.26
N ALA B 76 -25.83 10.66 -0.59
CA ALA B 76 -25.58 10.34 0.81
C ALA B 76 -26.29 11.36 1.70
N GLU B 77 -26.33 11.06 2.99
CA GLU B 77 -26.95 11.95 3.96
C GLU B 77 -26.16 13.26 3.95
N ASP B 78 -24.86 13.12 3.72
CA ASP B 78 -23.90 14.21 3.66
C ASP B 78 -24.23 15.20 2.54
N GLY B 79 -24.99 14.72 1.55
CA GLY B 79 -25.35 15.55 0.42
C GLY B 79 -24.41 15.18 -0.73
N SER B 80 -23.31 14.52 -0.36
CA SER B 80 -22.33 14.09 -1.36
C SER B 80 -22.95 12.97 -2.21
N VAL B 81 -22.47 12.85 -3.43
CA VAL B 81 -22.95 11.84 -4.34
C VAL B 81 -21.88 10.79 -4.61
N SER B 82 -22.30 9.54 -4.70
CA SER B 82 -21.38 8.46 -4.98
C SER B 82 -21.75 7.92 -6.37
N VAL B 83 -20.77 7.82 -7.25
CA VAL B 83 -21.01 7.33 -8.59
C VAL B 83 -20.10 6.16 -8.92
N VAL B 84 -20.68 5.12 -9.51
CA VAL B 84 -19.91 3.94 -9.89
C VAL B 84 -20.21 3.60 -11.34
N GLN B 85 -19.18 3.24 -12.09
CA GLN B 85 -19.37 2.87 -13.48
C GLN B 85 -18.21 2.00 -13.91
N VAL B 86 -18.52 0.81 -14.39
CA VAL B 86 -17.49 -0.10 -14.83
C VAL B 86 -17.59 -0.31 -16.32
N GLU B 87 -16.43 -0.31 -16.98
CA GLU B 87 -16.38 -0.49 -18.42
C GLU B 87 -15.07 -1.18 -18.85
N ASN B 88 -15.20 -2.23 -19.64
CA ASN B 88 -14.04 -2.96 -20.12
C ASN B 88 -13.21 -3.50 -18.95
N GLY B 89 -13.91 -3.92 -17.91
CA GLY B 89 -13.23 -4.49 -16.76
C GLY B 89 -12.60 -3.50 -15.80
N PHE B 90 -12.73 -2.20 -16.04
CA PHE B 90 -12.13 -1.23 -15.15
C PHE B 90 -13.10 -0.15 -14.70
N MET B 91 -12.90 0.33 -13.48
CA MET B 91 -13.75 1.37 -12.95
C MET B 91 -13.62 2.61 -13.81
N LYS B 92 -14.75 3.10 -14.32
CA LYS B 92 -14.74 4.29 -15.14
C LYS B 92 -15.02 5.45 -14.20
N GLN B 93 -15.89 5.20 -13.23
CA GLN B 93 -16.24 6.21 -12.22
C GLN B 93 -16.40 5.51 -10.88
N GLY B 94 -15.92 6.18 -9.83
CA GLY B 94 -16.02 5.64 -8.49
C GLY B 94 -14.72 5.90 -7.76
N HIS B 95 -14.49 5.15 -6.71
CA HIS B 95 -13.28 5.29 -5.92
C HIS B 95 -12.77 3.94 -5.44
N ARG B 96 -11.50 3.86 -5.09
CA ARG B 96 -10.96 2.62 -4.56
C ARG B 96 -11.63 2.44 -3.19
N GLY B 97 -11.71 1.19 -2.73
CA GLY B 97 -12.29 0.90 -1.43
C GLY B 97 -13.68 0.28 -1.55
N TRP B 98 -14.42 0.23 -0.44
CA TRP B 98 -15.78 -0.31 -0.43
C TRP B 98 -16.73 0.65 -1.15
N LEU B 99 -17.55 0.07 -2.03
CA LEU B 99 -18.49 0.87 -2.81
C LEU B 99 -19.89 0.94 -2.20
N VAL B 100 -20.11 0.17 -1.16
CA VAL B 100 -21.37 0.20 -0.41
C VAL B 100 -20.93 0.54 1.01
N ASP B 101 -21.80 1.22 1.75
CA ASP B 101 -21.51 1.66 3.11
C ASP B 101 -21.61 0.55 4.14
N LEU B 102 -20.47 0.17 4.73
CA LEU B 102 -20.42 -0.88 5.72
C LEU B 102 -20.41 -0.33 7.12
N THR B 103 -20.17 0.97 7.23
CA THR B 103 -20.02 1.64 8.52
C THR B 103 -21.08 2.65 8.95
N GLY B 104 -21.52 3.49 8.02
CA GLY B 104 -22.51 4.50 8.37
C GLY B 104 -21.87 5.57 9.23
N GLU B 105 -22.49 5.90 10.35
CA GLU B 105 -21.96 6.89 11.28
C GLU B 105 -20.81 6.35 12.13
N LEU B 106 -20.75 5.01 12.25
CA LEU B 106 -19.72 4.38 13.08
C LEU B 106 -18.41 4.19 12.32
N VAL B 107 -17.56 5.21 12.36
CA VAL B 107 -16.28 5.16 11.65
C VAL B 107 -15.15 5.42 12.63
N GLY B 108 -13.93 5.18 12.18
CA GLY B 108 -12.76 5.35 13.03
C GLY B 108 -12.60 4.24 14.05
N CYS B 109 -13.13 3.04 13.77
CA CYS B 109 -12.99 1.92 14.70
C CYS B 109 -11.92 0.93 14.25
N SER B 110 -11.55 0.06 15.19
CA SER B 110 -10.62 -1.03 14.96
C SER B 110 -11.43 -2.20 15.57
N PRO B 111 -12.55 -2.57 14.92
CA PRO B 111 -13.43 -3.64 15.38
C PRO B 111 -12.70 -4.91 15.81
N VAL B 112 -12.95 -5.36 17.04
CA VAL B 112 -12.30 -6.56 17.54
C VAL B 112 -12.59 -7.71 16.58
N VAL B 113 -11.53 -8.35 16.12
CA VAL B 113 -11.66 -9.44 15.17
C VAL B 113 -11.62 -10.80 15.86
N ALA B 114 -10.95 -10.85 17.01
CA ALA B 114 -10.80 -12.09 17.74
C ALA B 114 -10.11 -11.82 19.04
N GLU B 115 -10.16 -12.80 19.92
CA GLU B 115 -9.53 -12.74 21.22
C GLU B 115 -8.77 -14.05 21.37
N PHE B 116 -7.54 -13.95 21.85
CA PHE B 116 -6.72 -15.14 22.02
C PHE B 116 -5.65 -14.87 23.06
N GLY B 117 -5.41 -15.86 23.92
CA GLY B 117 -4.39 -15.72 24.94
C GLY B 117 -4.58 -14.54 25.87
N GLY B 118 -5.83 -14.17 26.11
CA GLY B 118 -6.09 -13.04 27.00
C GLY B 118 -5.98 -11.67 26.35
N HIS B 119 -5.86 -11.62 25.03
CA HIS B 119 -5.78 -10.34 24.34
C HIS B 119 -6.76 -10.23 23.21
N ARG B 120 -7.26 -9.03 23.00
CA ARG B 120 -8.18 -8.78 21.91
C ARG B 120 -7.31 -8.25 20.80
N TYR B 121 -7.61 -8.66 19.57
CA TYR B 121 -6.88 -8.25 18.39
C TYR B 121 -7.82 -7.47 17.48
N ALA B 122 -7.28 -6.43 16.88
CA ALA B 122 -8.07 -5.58 16.02
C ALA B 122 -8.18 -6.12 14.60
N SER B 123 -9.26 -5.74 13.93
CA SER B 123 -9.41 -6.06 12.52
C SER B 123 -8.53 -4.98 11.85
N GLY B 124 -8.46 -4.99 10.52
CA GLY B 124 -7.64 -4.02 9.85
C GLY B 124 -6.37 -4.74 9.39
N MET B 125 -5.35 -3.98 9.04
CA MET B 125 -4.12 -4.59 8.59
C MET B 125 -3.07 -4.68 9.68
N VAL B 126 -2.46 -5.85 9.76
CA VAL B 126 -1.40 -6.15 10.70
C VAL B 126 -0.14 -6.48 9.93
N ILE B 127 0.90 -5.67 10.11
CA ILE B 127 2.16 -5.96 9.44
C ILE B 127 3.13 -6.59 10.45
N VAL B 128 3.67 -7.72 10.04
CA VAL B 128 4.65 -8.48 10.82
C VAL B 128 5.99 -8.19 10.20
N THR B 129 6.83 -7.49 10.94
CA THR B 129 8.14 -7.12 10.41
C THR B 129 9.21 -7.06 11.50
N GLY B 130 10.35 -6.49 11.15
CA GLY B 130 11.46 -6.35 12.09
C GLY B 130 12.77 -7.02 11.69
N LYS B 131 13.73 -6.99 12.61
CA LYS B 131 15.05 -7.60 12.44
C LYS B 131 15.06 -8.68 11.36
N GLY B 132 15.39 -8.27 10.14
CA GLY B 132 15.42 -9.14 8.98
C GLY B 132 15.69 -10.63 9.11
N ASN B 133 15.36 -11.34 8.02
CA ASN B 133 15.52 -12.80 7.89
C ASN B 133 15.23 -13.61 9.15
N SER B 134 14.11 -13.31 9.82
CA SER B 134 13.71 -14.02 11.03
C SER B 134 12.60 -15.01 10.66
N GLY B 135 11.76 -15.36 11.62
CA GLY B 135 10.69 -16.29 11.31
C GLY B 135 9.36 -15.60 11.13
N LYS B 136 9.30 -14.66 10.19
CA LYS B 136 8.04 -13.95 9.92
C LYS B 136 6.98 -14.89 9.35
N THR B 137 7.38 -15.74 8.42
CA THR B 137 6.42 -16.66 7.84
C THR B 137 5.71 -17.55 8.85
N PRO B 138 6.48 -18.22 9.74
CA PRO B 138 5.84 -19.10 10.74
C PRO B 138 4.92 -18.31 11.64
N LEU B 139 5.32 -17.08 11.92
CA LEU B 139 4.52 -16.24 12.79
C LEU B 139 3.19 -15.82 12.16
N VAL B 140 3.18 -15.39 10.88
CA VAL B 140 1.91 -14.98 10.30
C VAL B 140 0.94 -16.15 10.26
N HIS B 141 1.47 -17.36 10.05
CA HIS B 141 0.62 -18.55 10.01
C HIS B 141 0.05 -18.93 11.37
N ALA B 142 0.89 -18.89 12.40
CA ALA B 142 0.39 -19.18 13.74
C ALA B 142 -0.67 -18.12 14.12
N LEU B 143 -0.41 -16.86 13.79
CA LEU B 143 -1.38 -15.82 14.11
C LEU B 143 -2.67 -16.05 13.34
N GLY B 144 -2.52 -16.52 12.11
CA GLY B 144 -3.69 -16.77 11.29
C GLY B 144 -4.56 -17.86 11.88
N GLU B 145 -3.93 -18.94 12.34
CA GLU B 145 -4.66 -20.05 12.91
C GLU B 145 -5.29 -19.65 14.24
N ALA B 146 -4.54 -18.91 15.06
CA ALA B 146 -5.02 -18.51 16.38
C ALA B 146 -6.16 -17.51 16.28
N LEU B 147 -6.06 -16.55 15.35
CA LEU B 147 -7.14 -15.58 15.25
C LEU B 147 -8.34 -16.19 14.55
N GLY B 148 -8.08 -17.17 13.70
CA GLY B 148 -9.15 -17.86 13.01
C GLY B 148 -10.03 -18.51 14.06
N GLY B 149 -9.41 -19.11 15.07
CA GLY B 149 -10.15 -19.75 16.14
C GLY B 149 -10.93 -20.94 15.65
N LYS B 150 -12.25 -20.83 15.61
CA LYS B 150 -13.09 -21.91 15.10
C LYS B 150 -13.08 -21.97 13.56
N ASP B 151 -12.68 -20.89 12.91
CA ASP B 151 -12.66 -20.84 11.45
C ASP B 151 -11.28 -21.01 10.86
N LYS B 152 -11.25 -21.38 9.59
CA LYS B 152 -10.00 -21.50 8.85
C LYS B 152 -9.57 -20.09 8.45
N TYR B 153 -8.26 -19.88 8.25
CA TYR B 153 -7.82 -18.57 7.82
C TYR B 153 -7.44 -18.71 6.35
N ALA B 154 -7.50 -17.61 5.61
CA ALA B 154 -7.19 -17.60 4.20
C ALA B 154 -5.76 -17.15 3.96
N THR B 155 -5.03 -17.88 3.13
CA THR B 155 -3.64 -17.54 2.83
C THR B 155 -3.46 -17.02 1.43
N VAL B 156 -2.88 -15.82 1.32
CA VAL B 156 -2.59 -15.21 0.02
C VAL B 156 -1.08 -15.28 -0.16
N ARG B 157 -0.63 -16.01 -1.17
CA ARG B 157 0.82 -16.12 -1.41
C ARG B 157 1.28 -15.22 -2.54
N PHE B 158 2.39 -14.55 -2.32
CA PHE B 158 2.89 -13.62 -3.31
C PHE B 158 4.39 -13.25 -3.23
N GLY B 159 5.01 -13.22 -4.39
CA GLY B 159 6.38 -12.80 -4.54
C GLY B 159 7.51 -13.44 -3.79
N GLU B 160 7.49 -14.77 -3.64
CA GLU B 160 8.59 -15.50 -3.00
C GLU B 160 9.00 -16.53 -4.06
N PRO B 161 10.30 -16.86 -4.14
CA PRO B 161 10.76 -17.84 -5.15
C PRO B 161 10.52 -19.26 -4.68
N LEU B 162 9.25 -19.62 -4.51
CA LEU B 162 8.86 -20.96 -4.05
C LEU B 162 7.76 -21.45 -4.97
N SER B 163 7.55 -22.76 -5.00
CA SER B 163 6.56 -23.36 -5.88
C SER B 163 5.18 -22.82 -5.69
N GLY B 164 4.47 -22.70 -6.81
CA GLY B 164 3.09 -22.25 -6.74
C GLY B 164 2.82 -20.82 -6.33
N TYR B 165 3.87 -20.03 -6.14
CA TYR B 165 3.71 -18.64 -5.74
C TYR B 165 3.46 -17.67 -6.89
N ASN B 166 2.30 -17.01 -6.85
CA ASN B 166 1.99 -15.98 -7.85
C ASN B 166 3.00 -14.84 -7.63
N THR B 167 3.45 -14.20 -8.70
CA THR B 167 4.37 -13.05 -8.57
C THR B 167 3.87 -11.89 -9.43
N ASP B 168 2.66 -12.04 -9.94
CA ASP B 168 2.01 -11.02 -10.75
C ASP B 168 1.11 -10.16 -9.84
N PHE B 169 1.39 -8.87 -9.78
CA PHE B 169 0.63 -8.00 -8.90
C PHE B 169 -0.86 -7.99 -9.13
N ASN B 170 -1.28 -8.13 -10.38
CA ASN B 170 -2.71 -8.08 -10.60
C ASN B 170 -3.45 -9.30 -10.09
N VAL B 171 -2.77 -10.45 -10.04
CA VAL B 171 -3.39 -11.65 -9.51
C VAL B 171 -3.43 -11.47 -7.98
N PHE B 172 -2.38 -10.86 -7.44
CA PHE B 172 -2.32 -10.58 -6.02
C PHE B 172 -3.50 -9.76 -5.47
N VAL B 173 -3.86 -8.65 -6.11
CA VAL B 173 -4.97 -7.86 -5.62
C VAL B 173 -6.28 -8.60 -5.82
N ASP B 174 -6.33 -9.47 -6.80
CA ASP B 174 -7.53 -10.25 -7.03
C ASP B 174 -7.68 -11.20 -5.83
N ASP B 175 -6.56 -11.80 -5.39
CA ASP B 175 -6.59 -12.72 -4.24
C ASP B 175 -7.00 -11.99 -2.95
N ILE B 176 -6.45 -10.78 -2.76
CA ILE B 176 -6.74 -9.97 -1.58
C ILE B 176 -8.23 -9.57 -1.54
N ALA B 177 -8.74 -9.13 -2.67
CA ALA B 177 -10.13 -8.72 -2.76
C ALA B 177 -11.05 -9.90 -2.37
N ARG B 178 -10.80 -11.07 -2.94
CA ARG B 178 -11.62 -12.25 -2.66
C ARG B 178 -11.50 -12.61 -1.19
N ALA B 179 -10.27 -12.62 -0.68
CA ALA B 179 -10.01 -12.93 0.70
C ALA B 179 -10.84 -12.04 1.65
N MET B 180 -10.77 -10.73 1.46
CA MET B 180 -11.52 -9.83 2.34
C MET B 180 -13.02 -9.93 2.16
N LEU B 181 -13.47 -10.24 0.96
CA LEU B 181 -14.90 -10.38 0.77
C LEU B 181 -15.41 -11.66 1.43
N GLN B 182 -14.51 -12.65 1.61
CA GLN B 182 -15.00 -13.92 2.14
C GLN B 182 -14.53 -14.48 3.46
N HIS B 183 -13.47 -13.91 4.03
CA HIS B 183 -12.95 -14.43 5.28
C HIS B 183 -12.59 -13.37 6.32
N ARG B 184 -12.79 -13.74 7.57
CA ARG B 184 -12.46 -12.86 8.66
C ARG B 184 -10.92 -12.86 8.94
N VAL B 185 -10.21 -13.94 8.64
CA VAL B 185 -8.79 -13.91 8.94
C VAL B 185 -7.98 -14.24 7.69
N ILE B 186 -7.11 -13.30 7.33
CA ILE B 186 -6.34 -13.41 6.12
C ILE B 186 -4.85 -13.19 6.34
N VAL B 187 -4.06 -14.07 5.74
CA VAL B 187 -2.62 -14.01 5.83
C VAL B 187 -2.06 -13.69 4.43
N ILE B 188 -1.14 -12.74 4.37
CA ILE B 188 -0.53 -12.41 3.11
C ILE B 188 0.93 -12.75 3.30
N ASP B 189 1.42 -13.76 2.58
CA ASP B 189 2.82 -14.03 2.78
C ASP B 189 3.62 -13.35 1.74
N SER B 190 4.16 -12.25 2.24
CA SER B 190 5.03 -11.30 1.61
C SER B 190 4.48 -10.15 0.83
N LEU B 191 4.70 -9.00 1.44
CA LEU B 191 4.35 -7.71 0.93
C LEU B 191 5.69 -7.25 0.34
N LYS B 192 6.57 -8.20 0.13
CA LYS B 192 7.91 -7.95 -0.40
C LYS B 192 7.89 -7.27 -1.76
N ASN B 193 7.39 -7.99 -2.75
CA ASN B 193 7.33 -7.44 -4.09
C ASN B 193 6.55 -6.13 -4.11
N VAL B 194 5.65 -5.92 -3.15
CA VAL B 194 4.88 -4.68 -3.17
C VAL B 194 5.71 -3.42 -2.84
N ILE B 195 6.26 -3.33 -1.63
CA ILE B 195 7.06 -2.15 -1.29
C ILE B 195 8.44 -2.26 -1.95
N ILE B 207 8.29 1.93 -6.80
CA ILE B 207 7.05 1.22 -6.47
C ILE B 207 5.92 1.58 -7.44
N SER B 208 5.17 0.58 -7.89
CA SER B 208 4.05 0.80 -8.83
C SER B 208 2.93 1.56 -8.13
N ARG B 209 2.06 2.18 -8.93
CA ARG B 209 0.91 2.93 -8.40
C ARG B 209 -0.07 1.97 -7.70
N GLY B 210 -0.26 0.80 -8.29
CA GLY B 210 -1.16 -0.16 -7.69
C GLY B 210 -0.66 -0.56 -6.31
N ALA B 211 0.65 -0.82 -6.24
CA ALA B 211 1.29 -1.23 -4.99
C ALA B 211 1.15 -0.13 -3.93
N PHE B 212 1.39 1.11 -4.35
CA PHE B 212 1.26 2.24 -3.46
C PHE B 212 -0.20 2.38 -3.03
N ASP B 213 -1.13 2.15 -3.96
CA ASP B 213 -2.55 2.22 -3.65
C ASP B 213 -2.90 1.18 -2.54
N LEU B 214 -2.38 -0.04 -2.70
CA LEU B 214 -2.61 -1.13 -1.75
C LEU B 214 -2.18 -0.79 -0.33
N LEU B 215 -0.94 -0.29 -0.18
CA LEU B 215 -0.44 0.06 1.14
C LEU B 215 -1.35 1.09 1.77
N SER B 216 -1.84 2.00 0.94
CA SER B 216 -2.71 3.09 1.38
C SER B 216 -4.16 2.69 1.65
N ASP B 217 -4.62 1.62 0.99
CA ASP B 217 -6.02 1.24 1.13
C ASP B 217 -6.37 0.04 1.99
N ILE B 218 -5.52 -0.97 1.97
CA ILE B 218 -5.80 -2.21 2.65
C ILE B 218 -6.24 -2.15 4.13
N GLY B 219 -5.57 -1.35 4.95
CA GLY B 219 -5.93 -1.25 6.35
C GLY B 219 -7.35 -0.78 6.54
N ALA B 220 -7.71 0.31 5.85
CA ALA B 220 -9.05 0.86 5.92
C ALA B 220 -10.08 -0.13 5.38
N MET B 221 -9.79 -0.79 4.26
CA MET B 221 -10.72 -1.76 3.71
C MET B 221 -10.99 -2.89 4.73
N ALA B 222 -9.94 -3.42 5.34
CA ALA B 222 -10.08 -4.52 6.29
C ALA B 222 -10.83 -4.10 7.53
N ALA B 223 -10.43 -2.96 8.09
CA ALA B 223 -11.04 -2.41 9.30
C ALA B 223 -12.53 -2.16 9.10
N SER B 224 -12.89 -1.70 7.91
CA SER B 224 -14.32 -1.43 7.62
C SER B 224 -15.10 -2.75 7.53
N ARG B 225 -14.44 -3.78 7.00
CA ARG B 225 -15.07 -5.08 6.87
C ARG B 225 -15.09 -5.78 8.22
N GLY B 226 -14.06 -5.53 9.02
CA GLY B 226 -13.96 -6.20 10.31
C GLY B 226 -13.16 -7.49 10.12
N CYS B 227 -12.36 -7.61 9.05
CA CYS B 227 -11.58 -8.82 8.85
C CYS B 227 -10.10 -9.02 9.29
N VAL B 228 -9.21 -8.07 9.23
CA VAL B 228 -7.78 -8.41 9.63
C VAL B 228 -6.93 -9.22 8.64
N VAL B 229 -5.96 -8.51 8.11
CA VAL B 229 -5.01 -9.03 7.14
C VAL B 229 -3.64 -9.04 7.85
N ILE B 230 -3.05 -10.22 7.96
CA ILE B 230 -1.75 -10.40 8.62
C ILE B 230 -0.69 -10.57 7.52
N ALA B 231 0.07 -9.51 7.31
CA ALA B 231 1.05 -9.46 6.26
C ALA B 231 2.49 -9.46 6.69
N SER B 232 3.22 -10.37 6.08
CA SER B 232 4.64 -10.51 6.31
C SER B 232 5.37 -9.42 5.51
N LEU B 233 6.35 -8.79 6.14
CA LEU B 233 7.15 -7.78 5.47
C LEU B 233 8.58 -7.97 5.95
N ASN B 234 9.33 -8.74 5.16
CA ASN B 234 10.70 -9.01 5.50
C ASN B 234 11.53 -7.93 4.82
N PRO B 235 12.13 -7.03 5.60
CA PRO B 235 12.92 -5.98 4.95
C PRO B 235 14.11 -6.58 4.20
N THR B 236 13.98 -6.61 2.87
CA THR B 236 15.02 -7.15 1.99
C THR B 236 16.16 -6.14 2.01
N SER B 237 15.80 -4.92 2.40
CA SER B 237 16.74 -3.83 2.50
C SER B 237 17.85 -4.23 3.46
N ASN B 238 18.83 -3.36 3.62
CA ASN B 238 19.95 -3.63 4.52
C ASN B 238 19.44 -4.13 5.85
N ASP B 239 20.35 -4.57 6.70
CA ASP B 239 19.97 -5.02 8.01
C ASP B 239 20.57 -3.95 8.92
N ASP B 240 20.43 -2.71 8.46
CA ASP B 240 20.94 -1.52 9.12
C ASP B 240 19.88 -0.88 10.03
N LYS B 241 19.57 0.38 9.75
CA LYS B 241 18.57 1.13 10.49
C LYS B 241 17.58 1.57 9.45
N ILE B 242 17.56 0.81 8.36
CA ILE B 242 16.63 1.02 7.26
C ILE B 242 15.39 0.30 7.77
N VAL B 243 15.63 -0.63 8.70
CA VAL B 243 14.56 -1.42 9.31
C VAL B 243 13.71 -0.48 10.16
N GLU B 244 14.30 0.64 10.55
CA GLU B 244 13.57 1.63 11.34
C GLU B 244 12.61 2.36 10.40
N LEU B 245 13.05 2.62 9.17
CA LEU B 245 12.18 3.28 8.20
C LEU B 245 11.07 2.33 7.78
N VAL B 246 11.41 1.04 7.61
CA VAL B 246 10.42 0.05 7.24
C VAL B 246 9.36 0.04 8.35
N LYS B 247 9.81 -0.15 9.57
CA LYS B 247 8.91 -0.18 10.72
C LYS B 247 8.03 1.06 10.72
N GLU B 248 8.65 2.21 10.43
CA GLU B 248 7.97 3.50 10.37
C GLU B 248 6.86 3.50 9.33
N ALA B 249 7.20 3.10 8.11
CA ALA B 249 6.23 3.03 7.02
C ALA B 249 5.12 2.06 7.41
N SER B 250 5.52 0.98 8.08
CA SER B 250 4.55 -0.01 8.51
C SER B 250 3.60 0.51 9.57
N ARG B 251 4.13 1.19 10.60
CA ARG B 251 3.31 1.74 11.68
C ARG B 251 2.21 2.60 11.08
N SER B 252 2.64 3.41 10.13
CA SER B 252 1.77 4.36 9.46
C SER B 252 0.61 3.79 8.69
N ASN B 253 0.81 2.66 8.01
CA ASN B 253 -0.30 2.11 7.23
C ASN B 253 -0.91 0.87 7.82
N SER B 254 -0.56 0.59 9.07
CA SER B 254 -1.06 -0.58 9.78
C SER B 254 -1.99 -0.23 10.93
N THR B 255 -2.98 -1.08 11.15
CA THR B 255 -3.87 -0.88 12.27
C THR B 255 -3.09 -1.40 13.48
N SER B 256 -2.37 -2.52 13.28
CA SER B 256 -1.54 -3.13 14.31
C SER B 256 -0.16 -3.49 13.71
N LEU B 257 0.86 -3.48 14.56
CA LEU B 257 2.21 -3.81 14.16
C LEU B 257 2.73 -4.99 15.02
N VAL B 258 3.45 -5.92 14.41
CA VAL B 258 4.02 -7.02 15.16
C VAL B 258 5.51 -7.05 14.74
N ILE B 259 6.37 -6.79 15.71
CA ILE B 259 7.79 -6.71 15.44
C ILE B 259 8.60 -7.70 16.25
N SER B 260 9.66 -8.20 15.63
CA SER B 260 10.55 -9.13 16.30
C SER B 260 11.40 -8.36 17.33
N THR B 261 11.88 -9.06 18.35
CA THR B 261 12.74 -8.42 19.35
C THR B 261 14.08 -9.14 19.39
N ASP B 262 14.94 -8.71 20.32
CA ASP B 262 16.25 -9.31 20.48
C ASP B 262 16.18 -10.67 21.19
N VAL B 263 14.98 -11.02 21.68
CA VAL B 263 14.77 -12.29 22.36
C VAL B 263 14.14 -13.34 21.42
N ASP B 264 14.84 -14.43 21.19
CA ASP B 264 14.33 -15.47 20.31
C ASP B 264 12.88 -15.89 20.56
N GLY B 265 12.11 -15.96 19.48
CA GLY B 265 10.72 -16.37 19.56
C GLY B 265 9.78 -15.33 20.15
N GLU B 266 10.31 -14.16 20.53
CA GLU B 266 9.48 -13.12 21.13
C GLU B 266 9.16 -12.00 20.15
N TRP B 267 7.93 -11.56 20.22
CA TRP B 267 7.42 -10.51 19.36
C TRP B 267 6.58 -9.52 20.15
N GLN B 268 6.56 -8.28 19.70
CA GLN B 268 5.79 -7.26 20.37
C GLN B 268 4.62 -6.86 19.47
N VAL B 269 3.43 -6.82 20.04
CA VAL B 269 2.22 -6.44 19.33
C VAL B 269 1.79 -5.04 19.73
N LEU B 270 1.77 -4.13 18.76
CA LEU B 270 1.34 -2.76 19.01
C LEU B 270 0.04 -2.55 18.27
N THR B 271 -1.01 -2.22 19.02
CA THR B 271 -2.33 -2.05 18.46
C THR B 271 -2.97 -0.69 18.58
N ARG B 272 -3.53 -0.21 17.48
CA ARG B 272 -4.29 1.04 17.46
C ARG B 272 -5.71 0.53 17.74
N THR B 273 -6.27 0.96 18.85
CA THR B 273 -7.61 0.50 19.23
C THR B 273 -8.75 1.29 18.65
N GLY B 274 -8.44 2.38 17.97
CA GLY B 274 -9.45 3.21 17.35
C GLY B 274 -8.98 4.64 17.21
N GLU B 275 -9.75 5.42 16.45
CA GLU B 275 -9.46 6.83 16.17
C GLU B 275 -9.17 7.67 17.43
N GLY B 276 -7.94 8.18 17.54
CA GLY B 276 -7.58 8.97 18.70
C GLY B 276 -7.56 8.19 20.02
N LEU B 277 -7.78 6.89 19.97
CA LEU B 277 -7.76 6.09 21.18
C LEU B 277 -6.34 5.63 21.52
N GLN B 278 -6.19 5.04 22.69
CA GLN B 278 -4.91 4.57 23.16
C GLN B 278 -4.33 3.44 22.35
N ARG B 279 -3.02 3.49 22.16
CA ARG B 279 -2.33 2.43 21.46
C ARG B 279 -1.91 1.44 22.53
N LEU B 280 -2.16 0.16 22.30
CA LEU B 280 -1.82 -0.86 23.29
C LEU B 280 -0.64 -1.70 22.83
N THR B 281 0.00 -2.35 23.79
CA THR B 281 1.12 -3.23 23.50
C THR B 281 1.10 -4.43 24.42
N HIS B 282 1.45 -5.58 23.87
CA HIS B 282 1.59 -6.81 24.66
C HIS B 282 2.65 -7.63 23.95
N THR B 283 3.13 -8.65 24.63
CA THR B 283 4.17 -9.46 24.08
C THR B 283 3.69 -10.87 23.76
N LEU B 284 4.34 -11.47 22.76
CA LEU B 284 4.03 -12.83 22.34
C LEU B 284 5.30 -13.75 22.47
N GLN B 285 5.13 -14.93 23.07
CA GLN B 285 6.18 -15.91 23.21
C GLN B 285 5.82 -17.06 22.26
N THR B 286 6.79 -17.57 21.52
CA THR B 286 6.45 -18.62 20.58
C THR B 286 7.52 -19.68 20.57
N SER B 287 7.22 -20.84 19.98
CA SER B 287 8.23 -21.89 19.87
C SER B 287 7.90 -22.78 18.68
N TYR B 288 8.91 -23.44 18.15
CA TYR B 288 8.74 -24.31 16.99
C TYR B 288 8.46 -25.75 17.36
N GLY B 289 7.68 -26.40 16.52
CA GLY B 289 7.34 -27.80 16.67
C GLY B 289 7.91 -28.49 15.45
N GLU B 290 7.35 -29.63 15.08
CA GLU B 290 7.85 -30.37 13.91
C GLU B 290 7.53 -29.62 12.61
N HIS B 291 8.42 -29.76 11.63
CA HIS B 291 8.23 -29.12 10.34
C HIS B 291 8.04 -27.59 10.46
N SER B 292 8.69 -27.00 11.46
CA SER B 292 8.65 -25.57 11.67
C SER B 292 7.28 -24.98 11.98
N VAL B 293 6.36 -25.79 12.45
CA VAL B 293 5.05 -25.26 12.79
C VAL B 293 5.26 -24.48 14.07
N LEU B 294 4.89 -23.20 14.06
CA LEU B 294 5.09 -22.36 15.22
C LEU B 294 3.84 -22.32 16.10
N THR B 295 4.06 -22.33 17.41
CA THR B 295 2.96 -22.23 18.37
C THR B 295 3.18 -21.00 19.24
N ILE B 296 2.12 -20.22 19.39
CA ILE B 296 2.12 -19.01 20.21
C ILE B 296 1.65 -19.43 21.61
N HIS B 297 2.51 -19.26 22.61
CA HIS B 297 2.15 -19.63 23.97
C HIS B 297 1.05 -18.74 24.53
N THR B 298 0.15 -19.34 25.29
CA THR B 298 -0.96 -18.59 25.88
C THR B 298 -0.78 -18.51 27.38
N SER B 299 -1.37 -19.47 28.07
CA SER B 299 -1.32 -19.54 29.53
C SER B 299 -0.02 -20.21 29.98
N MET C 1 -6.91 39.49 -8.61
CA MET C 1 -6.39 40.47 -9.62
C MET C 1 -5.24 41.24 -9.03
N ILE C 2 -4.73 42.23 -9.75
CA ILE C 2 -3.67 43.05 -9.21
C ILE C 2 -4.31 44.29 -8.58
N HIS C 3 -3.61 44.88 -7.62
CA HIS C 3 -4.09 46.07 -6.94
C HIS C 3 -3.00 47.13 -6.95
N LEU C 4 -3.42 48.38 -7.08
CA LEU C 4 -2.47 49.48 -7.07
C LEU C 4 -2.59 50.23 -5.73
N TYR C 5 -1.47 50.77 -5.27
CA TYR C 5 -1.44 51.49 -4.03
C TYR C 5 -0.44 52.63 -4.05
N ASP C 6 -0.75 53.63 -3.23
CA ASP C 6 0.18 54.71 -2.96
C ASP C 6 0.27 54.60 -1.42
N ALA C 7 1.10 55.41 -0.77
CA ALA C 7 1.26 55.35 0.68
C ALA C 7 -0.09 55.36 1.43
N LYS C 8 -0.96 56.28 1.05
CA LYS C 8 -2.25 56.40 1.70
C LYS C 8 -3.19 55.20 1.60
N SER C 9 -3.39 54.67 0.39
CA SER C 9 -4.28 53.53 0.25
C SER C 9 -3.62 52.28 0.85
N PHE C 10 -2.29 52.22 0.86
CA PHE C 10 -1.62 51.08 1.46
C PHE C 10 -1.87 51.11 2.97
N ALA C 11 -1.75 52.29 3.59
CA ALA C 11 -1.98 52.39 5.04
C ALA C 11 -3.44 52.00 5.36
N LYS C 12 -4.37 52.35 4.48
CA LYS C 12 -5.76 51.97 4.75
C LYS C 12 -5.92 50.45 4.70
N LEU C 13 -5.30 49.83 3.69
CA LEU C 13 -5.36 48.38 3.51
C LEU C 13 -4.86 47.66 4.75
N ARG C 14 -3.69 48.05 5.23
CA ARG C 14 -3.13 47.41 6.41
C ARG C 14 -4.05 47.58 7.61
N ALA C 15 -4.64 48.76 7.77
CA ALA C 15 -5.55 48.99 8.89
C ALA C 15 -6.72 47.99 8.78
N ALA C 16 -7.30 47.89 7.59
CA ALA C 16 -8.42 46.99 7.38
C ALA C 16 -8.00 45.52 7.60
N GLN C 17 -6.80 45.15 7.15
CA GLN C 17 -6.34 43.77 7.37
C GLN C 17 -6.16 43.55 8.87
N TYR C 18 -5.61 44.54 9.54
CA TYR C 18 -5.42 44.42 10.97
C TYR C 18 -6.80 44.23 11.66
N ALA C 19 -7.78 45.04 11.27
CA ALA C 19 -9.12 44.91 11.84
C ALA C 19 -9.76 43.54 11.58
N ALA C 20 -9.51 42.97 10.39
CA ALA C 20 -10.08 41.67 9.99
C ALA C 20 -9.73 40.54 10.96
N PHE C 21 -8.59 40.65 11.63
CA PHE C 21 -8.22 39.65 12.60
C PHE C 21 -8.50 40.12 14.04
N HIS C 22 -8.04 41.32 14.35
CA HIS C 22 -8.13 41.87 15.71
C HIS C 22 -9.44 42.43 16.24
N THR C 23 -10.22 43.11 15.40
CA THR C 23 -11.45 43.74 15.89
C THR C 23 -12.79 43.33 15.31
N ASP C 24 -12.79 42.70 14.13
CA ASP C 24 -14.05 42.22 13.54
C ASP C 24 -14.61 41.16 14.46
N ALA C 25 -15.93 40.99 14.47
CA ALA C 25 -16.54 39.97 15.34
C ALA C 25 -16.14 38.59 14.81
N PRO C 26 -15.76 37.68 15.70
CA PRO C 26 -15.35 36.35 15.26
C PRO C 26 -16.40 35.69 14.42
N GLY C 27 -15.94 35.16 13.28
CA GLY C 27 -16.82 34.45 12.36
C GLY C 27 -17.64 35.35 11.45
N SER C 28 -17.46 36.65 11.58
CA SER C 28 -18.21 37.59 10.77
C SER C 28 -17.86 37.47 9.28
N TRP C 29 -16.59 37.19 8.98
CA TRP C 29 -16.20 37.06 7.59
C TRP C 29 -16.90 35.86 6.93
N PHE C 30 -16.96 34.75 7.67
CA PHE C 30 -17.62 33.54 7.18
C PHE C 30 -19.08 33.85 6.84
N ASP C 31 -19.78 34.51 7.77
CA ASP C 31 -21.18 34.87 7.54
C ASP C 31 -21.28 35.76 6.30
N HIS C 32 -20.34 36.70 6.18
CA HIS C 32 -20.35 37.56 5.01
C HIS C 32 -20.19 36.78 3.71
N THR C 33 -19.18 35.90 3.64
CA THR C 33 -18.98 35.14 2.40
C THR C 33 -20.14 34.15 2.18
N SER C 34 -20.76 33.67 3.26
CA SER C 34 -21.89 32.76 3.06
C SER C 34 -22.94 33.53 2.32
N GLY C 35 -23.04 34.83 2.64
CA GLY C 35 -24.01 35.68 2.00
C GLY C 35 -23.69 35.88 0.54
N VAL C 36 -22.42 36.09 0.25
CA VAL C 36 -22.00 36.28 -1.13
C VAL C 36 -22.31 35.03 -1.93
N LEU C 37 -22.05 33.87 -1.33
CA LEU C 37 -22.28 32.61 -2.03
C LEU C 37 -23.74 32.33 -2.32
N GLU C 38 -24.62 32.65 -1.39
CA GLU C 38 -26.02 32.38 -1.64
C GLU C 38 -26.64 33.35 -2.65
N SER C 39 -25.97 34.48 -2.90
CA SER C 39 -26.50 35.46 -3.85
C SER C 39 -25.96 35.14 -5.24
N VAL C 40 -25.24 34.02 -5.35
CA VAL C 40 -24.66 33.61 -6.61
C VAL C 40 -25.74 33.00 -7.50
N GLU C 41 -25.80 33.43 -8.76
CA GLU C 41 -26.76 32.91 -9.72
C GLU C 41 -26.79 31.38 -9.65
N ASP C 42 -27.98 30.81 -9.57
CA ASP C 42 -28.09 29.36 -9.50
C ASP C 42 -27.28 28.71 -10.63
N GLY C 43 -26.58 27.62 -10.30
CA GLY C 43 -25.78 26.92 -11.29
C GLY C 43 -24.38 27.49 -11.51
N THR C 44 -24.11 28.68 -10.99
CA THR C 44 -22.80 29.28 -11.18
C THR C 44 -21.66 28.54 -10.49
N PRO C 45 -20.56 28.30 -11.21
CA PRO C 45 -19.39 27.62 -10.62
C PRO C 45 -18.85 28.56 -9.53
N VAL C 46 -18.62 28.05 -8.33
CA VAL C 46 -18.08 28.89 -7.27
C VAL C 46 -16.73 28.42 -6.74
N LEU C 47 -16.40 27.18 -6.99
CA LEU C 47 -15.15 26.62 -6.50
C LEU C 47 -14.58 25.53 -7.41
N ALA C 48 -13.27 25.58 -7.59
CA ALA C 48 -12.55 24.62 -8.39
C ALA C 48 -11.38 24.10 -7.56
N ILE C 49 -11.23 22.79 -7.53
CA ILE C 49 -10.16 22.19 -6.76
C ILE C 49 -9.54 21.04 -7.58
N GLY C 50 -8.23 20.83 -7.41
CA GLY C 50 -7.57 19.79 -8.18
C GLY C 50 -7.73 18.36 -7.70
N VAL C 51 -7.93 17.42 -8.64
CA VAL C 51 -8.01 16.01 -8.24
C VAL C 51 -6.62 15.44 -8.46
N GLU C 52 -6.46 14.15 -8.16
CA GLU C 52 -5.18 13.48 -8.24
C GLU C 52 -4.35 13.76 -9.50
N SER C 53 -4.97 13.66 -10.67
CA SER C 53 -4.27 13.92 -11.93
C SER C 53 -3.73 15.33 -12.13
N GLY C 54 -4.34 16.33 -11.51
CA GLY C 54 -3.87 17.69 -11.70
C GLY C 54 -4.98 18.49 -12.36
N ASP C 55 -5.98 17.77 -12.85
CA ASP C 55 -7.16 18.38 -13.44
C ASP C 55 -7.96 18.91 -12.26
N ALA C 56 -8.99 19.70 -12.54
CA ALA C 56 -9.80 20.23 -11.46
C ALA C 56 -11.27 19.94 -11.66
N ILE C 57 -11.98 19.71 -10.57
CA ILE C 57 -13.42 19.48 -10.62
C ILE C 57 -14.01 20.78 -10.09
N VAL C 58 -15.27 21.05 -10.43
CA VAL C 58 -15.93 22.30 -10.05
C VAL C 58 -17.25 22.14 -9.29
N PHE C 59 -17.48 22.99 -8.28
CA PHE C 59 -18.73 22.90 -7.52
C PHE C 59 -19.57 24.17 -7.56
N ASP C 60 -20.87 24.04 -7.29
CA ASP C 60 -21.74 25.19 -7.23
C ASP C 60 -21.94 25.55 -5.74
N LYS C 61 -22.69 26.61 -5.45
CA LYS C 61 -22.91 27.07 -4.07
C LYS C 61 -23.47 26.05 -3.10
N ASN C 62 -24.09 25.01 -3.65
CA ASN C 62 -24.68 23.99 -2.80
C ASN C 62 -23.80 22.75 -2.68
N ALA C 63 -22.54 22.91 -3.08
CA ALA C 63 -21.54 21.87 -3.03
C ALA C 63 -21.88 20.71 -3.93
N GLN C 64 -22.55 21.01 -5.03
CA GLN C 64 -22.86 19.97 -5.98
C GLN C 64 -21.92 20.14 -7.14
N ARG C 65 -21.39 19.04 -7.64
CA ARG C 65 -20.47 19.11 -8.76
C ARG C 65 -21.08 19.52 -10.08
N ILE C 66 -20.33 20.30 -10.82
CA ILE C 66 -20.80 20.75 -12.13
C ILE C 66 -20.02 19.95 -13.14
N VAL C 67 -20.73 19.38 -14.11
CA VAL C 67 -20.09 18.56 -15.14
C VAL C 67 -20.07 19.22 -16.51
N ALA C 68 -21.03 20.10 -16.74
CA ALA C 68 -21.14 20.81 -17.99
C ALA C 68 -21.48 22.29 -17.74
N TYR C 69 -20.71 23.17 -18.34
CA TYR C 69 -20.96 24.60 -18.17
C TYR C 69 -20.33 25.33 -19.35
N LYS C 70 -21.18 25.93 -20.17
CA LYS C 70 -20.69 26.65 -21.35
C LYS C 70 -19.81 27.81 -20.95
N GLU C 71 -18.71 27.97 -21.67
CA GLU C 71 -17.74 29.02 -21.42
C GLU C 71 -18.39 30.35 -21.10
N LYS C 72 -17.91 30.99 -20.04
CA LYS C 72 -18.41 32.29 -19.63
C LYS C 72 -17.25 33.14 -19.10
N SER C 73 -17.16 34.37 -19.60
CA SER C 73 -16.10 35.30 -19.21
C SER C 73 -16.63 36.42 -18.33
N VAL C 74 -15.73 37.02 -17.58
CA VAL C 74 -16.08 38.13 -16.71
C VAL C 74 -14.91 39.10 -16.68
N LYS C 75 -15.23 40.38 -16.86
CA LYS C 75 -14.23 41.44 -16.87
C LYS C 75 -14.13 42.00 -15.46
N ALA C 76 -12.91 42.05 -14.94
CA ALA C 76 -12.67 42.58 -13.60
C ALA C 76 -12.34 44.07 -13.68
N GLU C 77 -12.31 44.71 -12.53
CA GLU C 77 -11.99 46.13 -12.45
C GLU C 77 -10.56 46.29 -12.97
N ASP C 78 -9.76 45.29 -12.67
CA ASP C 78 -8.35 45.21 -13.04
C ASP C 78 -8.15 45.24 -14.57
N GLY C 79 -9.20 44.87 -15.29
CA GLY C 79 -9.12 44.82 -16.74
C GLY C 79 -8.90 43.37 -17.14
N SER C 80 -8.48 42.57 -16.15
CA SER C 80 -8.25 41.15 -16.39
C SER C 80 -9.60 40.46 -16.60
N VAL C 81 -9.56 39.35 -17.33
CA VAL C 81 -10.77 38.60 -17.61
C VAL C 81 -10.73 37.25 -16.92
N SER C 82 -11.88 36.84 -16.42
CA SER C 82 -12.00 35.55 -15.76
C SER C 82 -12.89 34.67 -16.64
N VAL C 83 -12.42 33.49 -17.00
CA VAL C 83 -13.18 32.58 -17.83
C VAL C 83 -13.36 31.22 -17.15
N VAL C 84 -14.58 30.70 -17.20
CA VAL C 84 -14.87 29.40 -16.61
C VAL C 84 -15.60 28.55 -17.64
N GLN C 85 -15.22 27.29 -17.72
CA GLN C 85 -15.86 26.36 -18.64
C GLN C 85 -15.68 24.95 -18.13
N VAL C 86 -16.79 24.26 -17.94
CA VAL C 86 -16.72 22.89 -17.45
C VAL C 86 -17.22 21.95 -18.53
N GLU C 87 -16.52 20.83 -18.68
CA GLU C 87 -16.88 19.84 -19.68
C GLU C 87 -16.46 18.45 -19.23
N ASN C 88 -17.40 17.51 -19.32
CA ASN C 88 -17.13 16.13 -18.93
C ASN C 88 -16.68 16.04 -17.50
N GLY C 89 -17.27 16.87 -16.64
CA GLY C 89 -16.93 16.87 -15.24
C GLY C 89 -15.62 17.55 -14.85
N PHE C 90 -14.92 18.14 -15.81
CA PHE C 90 -13.66 18.82 -15.48
C PHE C 90 -13.58 20.22 -16.02
N MET C 91 -12.86 21.07 -15.28
CA MET C 91 -12.68 22.44 -15.69
C MET C 91 -11.92 22.49 -17.02
N LYS C 92 -12.54 23.10 -18.02
CA LYS C 92 -11.89 23.21 -19.32
C LYS C 92 -11.15 24.54 -19.33
N GLN C 93 -11.76 25.54 -18.69
CA GLN C 93 -11.16 26.87 -18.57
C GLN C 93 -11.47 27.43 -17.21
N GLY C 94 -10.48 28.09 -16.62
CA GLY C 94 -10.64 28.68 -15.32
C GLY C 94 -9.38 28.47 -14.51
N HIS C 95 -9.50 28.60 -13.18
CA HIS C 95 -8.37 28.39 -12.29
C HIS C 95 -8.82 27.67 -11.04
N ARG C 96 -7.87 27.04 -10.34
CA ARG C 96 -8.19 26.40 -9.08
C ARG C 96 -8.54 27.52 -8.08
N GLY C 97 -9.36 27.23 -7.09
CA GLY C 97 -9.75 28.24 -6.11
C GLY C 97 -11.17 28.74 -6.27
N TRP C 98 -11.50 29.84 -5.58
CA TRP C 98 -12.84 30.43 -5.68
C TRP C 98 -13.05 31.09 -7.04
N LEU C 99 -14.19 30.78 -7.65
CA LEU C 99 -14.50 31.26 -8.97
C LEU C 99 -15.38 32.50 -8.95
N VAL C 100 -15.83 32.87 -7.76
CA VAL C 100 -16.58 34.11 -7.59
C VAL C 100 -15.79 34.89 -6.55
N ASP C 101 -15.86 36.20 -6.62
CA ASP C 101 -15.08 37.06 -5.73
C ASP C 101 -15.70 37.15 -4.36
N LEU C 102 -14.98 36.64 -3.35
CA LEU C 102 -15.46 36.68 -1.97
C LEU C 102 -14.80 37.81 -1.17
N THR C 103 -13.71 38.35 -1.71
CA THR C 103 -12.92 39.38 -1.04
C THR C 103 -12.97 40.81 -1.61
N GLY C 104 -12.85 40.95 -2.94
CA GLY C 104 -12.85 42.27 -3.54
C GLY C 104 -11.52 42.94 -3.26
N GLU C 105 -11.57 44.17 -2.74
CA GLU C 105 -10.35 44.91 -2.44
C GLU C 105 -9.70 44.41 -1.15
N LEU C 106 -10.49 43.80 -0.29
CA LEU C 106 -9.99 43.34 0.98
C LEU C 106 -9.31 41.98 0.87
N VAL C 107 -8.03 41.97 0.56
CA VAL C 107 -7.29 40.72 0.43
C VAL C 107 -6.12 40.75 1.40
N GLY C 108 -5.48 39.58 1.57
CA GLY C 108 -4.34 39.48 2.47
C GLY C 108 -4.73 39.44 3.94
N CYS C 109 -5.96 39.01 4.24
CA CYS C 109 -6.40 38.91 5.64
C CYS C 109 -6.37 37.47 6.16
N SER C 110 -6.51 37.37 7.48
CA SER C 110 -6.60 36.11 8.22
C SER C 110 -7.84 36.39 9.08
N PRO C 111 -9.00 36.50 8.44
CA PRO C 111 -10.28 36.78 9.11
C PRO C 111 -10.50 35.95 10.39
N VAL C 112 -10.78 36.63 11.49
CA VAL C 112 -10.97 35.93 12.76
C VAL C 112 -12.09 34.93 12.56
N VAL C 113 -11.83 33.68 12.94
CA VAL C 113 -12.83 32.64 12.75
C VAL C 113 -13.59 32.34 14.02
N ALA C 114 -12.94 32.59 15.14
CA ALA C 114 -13.54 32.33 16.44
C ALA C 114 -12.58 32.84 17.52
N GLU C 115 -13.06 32.82 18.75
CA GLU C 115 -12.30 33.27 19.89
C GLU C 115 -12.58 32.27 20.98
N PHE C 116 -11.54 31.83 21.66
CA PHE C 116 -11.71 30.84 22.69
C PHE C 116 -10.55 30.95 23.66
N GLY C 117 -10.87 30.84 24.95
CA GLY C 117 -9.84 30.88 25.97
C GLY C 117 -9.02 32.15 25.97
N GLY C 118 -9.63 33.26 25.56
CA GLY C 118 -8.89 34.50 25.56
C GLY C 118 -8.03 34.76 24.32
N HIS C 119 -8.16 33.93 23.30
CA HIS C 119 -7.39 34.11 22.10
C HIS C 119 -8.27 34.08 20.88
N ARG C 120 -7.88 34.84 19.87
CA ARG C 120 -8.60 34.87 18.62
C ARG C 120 -7.85 33.92 17.71
N TYR C 121 -8.58 33.20 16.89
CA TYR C 121 -7.99 32.23 15.97
C TYR C 121 -8.33 32.65 14.56
N ALA C 122 -7.35 32.51 13.68
CA ALA C 122 -7.55 32.89 12.29
C ALA C 122 -8.22 31.83 11.47
N SER C 123 -8.92 32.27 10.42
CA SER C 123 -9.52 31.34 9.47
C SER C 123 -8.31 30.91 8.60
N GLY C 124 -8.54 30.08 7.59
CA GLY C 124 -7.42 29.64 6.78
C GLY C 124 -7.06 28.23 7.20
N MET C 125 -5.85 27.80 6.88
CA MET C 125 -5.45 26.46 7.22
C MET C 125 -4.52 26.39 8.40
N VAL C 126 -4.85 25.47 9.31
CA VAL C 126 -4.09 25.23 10.53
C VAL C 126 -3.55 23.82 10.48
N ILE C 127 -2.24 23.68 10.47
CA ILE C 127 -1.64 22.35 10.49
C ILE C 127 -1.14 22.05 11.90
N VAL C 128 -1.59 20.92 12.42
CA VAL C 128 -1.23 20.43 13.74
C VAL C 128 -0.17 19.35 13.46
N THR C 129 1.03 19.63 13.90
CA THR C 129 2.11 18.67 13.67
C THR C 129 3.14 18.70 14.79
N GLY C 130 4.28 18.05 14.57
CA GLY C 130 5.34 18.02 15.55
C GLY C 130 5.78 16.63 16.00
N LYS C 131 6.68 16.59 17.00
CA LYS C 131 7.20 15.36 17.60
C LYS C 131 6.28 14.17 17.36
N GLY C 132 6.55 13.43 16.29
CA GLY C 132 5.77 12.28 15.88
C GLY C 132 5.01 11.44 16.90
N ASN C 133 4.09 10.63 16.36
CA ASN C 133 3.23 9.72 17.11
C ASN C 133 2.72 10.24 18.47
N SER C 134 2.24 11.50 18.47
CA SER C 134 1.69 12.12 19.68
C SER C 134 0.18 12.10 19.61
N GLY C 135 -0.46 13.03 20.31
CA GLY C 135 -1.90 13.06 20.29
C GLY C 135 -2.47 14.11 19.36
N LYS C 136 -2.08 14.05 18.07
CA LYS C 136 -2.57 14.99 17.09
C LYS C 136 -4.06 14.83 16.84
N THR C 137 -4.51 13.59 16.70
CA THR C 137 -5.92 13.38 16.48
C THR C 137 -6.84 13.97 17.55
N PRO C 138 -6.54 13.69 18.84
CA PRO C 138 -7.41 14.25 19.90
C PRO C 138 -7.37 15.75 19.89
N LEU C 139 -6.21 16.30 19.56
CA LEU C 139 -6.07 17.74 19.51
C LEU C 139 -6.89 18.40 18.39
N VAL C 140 -6.83 17.89 17.16
CA VAL C 140 -7.61 18.53 16.09
C VAL C 140 -9.11 18.51 16.44
N HIS C 141 -9.58 17.44 17.08
CA HIS C 141 -10.98 17.34 17.49
C HIS C 141 -11.36 18.32 18.59
N ALA C 142 -10.50 18.44 19.61
CA ALA C 142 -10.79 19.40 20.68
C ALA C 142 -10.83 20.82 20.07
N LEU C 143 -9.87 21.13 19.20
CA LEU C 143 -9.82 22.45 18.54
C LEU C 143 -11.06 22.66 17.70
N GLY C 144 -11.51 21.57 17.05
CA GLY C 144 -12.69 21.67 16.21
C GLY C 144 -13.90 22.05 17.04
N GLU C 145 -14.08 21.36 18.14
CA GLU C 145 -15.22 21.61 19.01
C GLU C 145 -15.15 23.01 19.61
N ALA C 146 -13.97 23.38 20.09
CA ALA C 146 -13.80 24.68 20.71
C ALA C 146 -13.99 25.83 19.74
N LEU C 147 -13.46 25.68 18.53
CA LEU C 147 -13.62 26.79 17.56
C LEU C 147 -15.02 26.81 17.03
N GLY C 148 -15.66 25.63 17.01
CA GLY C 148 -17.02 25.54 16.53
C GLY C 148 -17.90 26.39 17.43
N GLY C 149 -17.60 26.37 18.74
CA GLY C 149 -18.36 27.14 19.70
C GLY C 149 -19.82 26.70 19.73
N LYS C 150 -20.71 27.55 19.22
CA LYS C 150 -22.12 27.21 19.18
C LYS C 150 -22.44 26.22 18.04
N ASP C 151 -21.58 26.15 17.04
CA ASP C 151 -21.84 25.28 15.90
C ASP C 151 -21.05 24.00 15.95
N LYS C 152 -21.52 23.02 15.18
CA LYS C 152 -20.83 21.75 15.09
C LYS C 152 -19.65 21.95 14.11
N TYR C 153 -18.60 21.16 14.23
CA TYR C 153 -17.50 21.25 13.29
C TYR C 153 -17.60 20.04 12.35
N ALA C 154 -17.11 20.22 11.12
CA ALA C 154 -17.16 19.16 10.13
C ALA C 154 -15.83 18.36 10.14
N THR C 155 -15.95 17.04 10.11
CA THR C 155 -14.76 16.17 10.12
C THR C 155 -14.56 15.47 8.78
N VAL C 156 -13.38 15.65 8.19
CA VAL C 156 -13.06 15.00 6.94
C VAL C 156 -12.04 13.91 7.30
N ARG C 157 -12.36 12.66 7.02
CA ARG C 157 -11.44 11.56 7.34
C ARG C 157 -10.73 11.03 6.11
N PHE C 158 -9.42 10.82 6.25
CA PHE C 158 -8.65 10.40 5.09
C PHE C 158 -7.34 9.72 5.39
N GLY C 159 -7.08 8.63 4.65
CA GLY C 159 -5.85 7.90 4.74
C GLY C 159 -5.30 7.30 6.02
N GLU C 160 -6.16 6.74 6.86
CA GLU C 160 -5.74 6.08 8.11
C GLU C 160 -6.32 4.68 7.99
N PRO C 161 -5.61 3.65 8.49
CA PRO C 161 -6.11 2.27 8.41
C PRO C 161 -7.14 1.98 9.50
N LEU C 162 -8.26 2.70 9.45
CA LEU C 162 -9.34 2.55 10.41
C LEU C 162 -10.67 2.43 9.66
N SER C 163 -11.67 1.88 10.32
CA SER C 163 -12.95 1.67 9.68
C SER C 163 -13.59 2.93 9.11
N GLY C 164 -14.21 2.75 7.95
CA GLY C 164 -14.90 3.86 7.33
C GLY C 164 -14.07 5.02 6.79
N TYR C 165 -12.74 4.87 6.74
CA TYR C 165 -11.87 5.93 6.25
C TYR C 165 -11.66 5.86 4.74
N ASN C 166 -12.04 6.92 4.04
CA ASN C 166 -11.79 7.01 2.61
C ASN C 166 -10.25 7.10 2.44
N THR C 167 -9.70 6.49 1.41
CA THR C 167 -8.25 6.58 1.17
C THR C 167 -8.00 6.95 -0.29
N ASP C 168 -9.10 7.33 -0.98
CA ASP C 168 -9.03 7.75 -2.37
C ASP C 168 -8.95 9.29 -2.42
N PHE C 169 -7.87 9.80 -3.00
CA PHE C 169 -7.67 11.24 -3.03
C PHE C 169 -8.79 12.05 -3.65
N ASN C 170 -9.43 11.52 -4.67
CA ASN C 170 -10.50 12.26 -5.31
C ASN C 170 -11.76 12.40 -4.47
N VAL C 171 -12.00 11.44 -3.56
CA VAL C 171 -13.15 11.54 -2.67
C VAL C 171 -12.75 12.58 -1.61
N PHE C 172 -11.49 12.55 -1.22
CA PHE C 172 -10.97 13.49 -0.26
C PHE C 172 -11.22 14.98 -0.67
N VAL C 173 -10.81 15.37 -1.88
CA VAL C 173 -11.02 16.75 -2.26
C VAL C 173 -12.50 17.07 -2.38
N ASP C 174 -13.29 16.07 -2.69
CA ASP C 174 -14.72 16.29 -2.76
C ASP C 174 -15.22 16.63 -1.35
N ASP C 175 -14.74 15.91 -0.33
CA ASP C 175 -15.16 16.18 1.03
C ASP C 175 -14.70 17.55 1.49
N ILE C 176 -13.47 17.91 1.12
CA ILE C 176 -12.92 19.21 1.50
C ILE C 176 -13.74 20.34 0.90
N ALA C 177 -14.07 20.19 -0.38
CA ALA C 177 -14.81 21.20 -1.08
C ALA C 177 -16.18 21.42 -0.40
N ARG C 178 -16.87 20.32 -0.10
CA ARG C 178 -18.16 20.42 0.54
C ARG C 178 -18.02 21.03 1.93
N ALA C 179 -17.00 20.60 2.65
CA ALA C 179 -16.78 21.14 3.97
C ALA C 179 -16.61 22.66 3.96
N MET C 180 -15.74 23.17 3.09
CA MET C 180 -15.49 24.61 3.05
C MET C 180 -16.69 25.39 2.54
N LEU C 181 -17.47 24.78 1.66
CA LEU C 181 -18.63 25.51 1.15
C LEU C 181 -19.72 25.57 2.21
N GLN C 182 -19.71 24.62 3.14
CA GLN C 182 -20.78 24.58 4.12
C GLN C 182 -20.52 24.81 5.60
N HIS C 183 -19.27 24.77 6.03
CA HIS C 183 -19.02 24.95 7.45
C HIS C 183 -17.87 25.88 7.80
N ARG C 184 -18.00 26.56 8.92
CA ARG C 184 -16.97 27.46 9.36
C ARG C 184 -15.81 26.70 10.01
N VAL C 185 -16.06 25.54 10.63
CA VAL C 185 -14.93 24.85 11.27
C VAL C 185 -14.81 23.44 10.71
N ILE C 186 -13.64 23.16 10.16
CA ILE C 186 -13.38 21.90 9.52
C ILE C 186 -12.12 21.21 10.03
N VAL C 187 -12.22 19.91 10.25
CA VAL C 187 -11.13 19.11 10.75
C VAL C 187 -10.79 18.07 9.69
N ILE C 188 -9.51 17.95 9.39
CA ILE C 188 -9.08 16.98 8.41
C ILE C 188 -8.20 16.01 9.18
N ASP C 189 -8.65 14.77 9.34
CA ASP C 189 -7.79 13.90 10.05
C ASP C 189 -6.95 13.11 9.08
N SER C 190 -5.73 13.62 9.04
CA SER C 190 -4.60 13.19 8.29
C SER C 190 -4.40 13.64 6.86
N LEU C 191 -3.38 14.46 6.75
CA LEU C 191 -2.87 15.03 5.53
C LEU C 191 -1.71 14.06 5.21
N LYS C 192 -1.72 12.91 5.86
CA LYS C 192 -0.69 11.87 5.71
C LYS C 192 -0.53 11.41 4.28
N ASN C 193 -1.56 10.78 3.75
CA ASN C 193 -1.50 10.27 2.39
C ASN C 193 -1.21 11.40 1.41
N VAL C 194 -1.54 12.64 1.77
CA VAL C 194 -1.29 13.73 0.83
C VAL C 194 0.20 14.05 0.64
N ILE C 195 0.91 14.48 1.69
CA ILE C 195 2.34 14.77 1.54
C ILE C 195 3.15 13.48 1.50
N ILE C 207 4.87 12.77 -4.65
CA ILE C 207 3.56 13.37 -4.36
C ILE C 207 2.79 13.65 -5.65
N SER C 208 1.49 13.37 -5.65
CA SER C 208 0.64 13.62 -6.84
C SER C 208 0.47 15.13 -7.07
N ARG C 209 0.08 15.50 -8.28
CA ARG C 209 -0.16 16.90 -8.63
C ARG C 209 -1.37 17.43 -7.87
N GLY C 210 -2.39 16.60 -7.71
CA GLY C 210 -3.58 17.01 -6.99
C GLY C 210 -3.22 17.32 -5.56
N ALA C 211 -2.39 16.46 -4.99
CA ALA C 211 -1.96 16.61 -3.60
C ALA C 211 -1.14 17.87 -3.42
N PHE C 212 -0.24 18.10 -4.36
CA PHE C 212 0.60 19.29 -4.33
C PHE C 212 -0.30 20.51 -4.51
N ASP C 213 -1.30 20.40 -5.38
CA ASP C 213 -2.23 21.51 -5.60
C ASP C 213 -2.91 21.89 -4.28
N LEU C 214 -3.38 20.86 -3.55
CA LEU C 214 -4.08 21.02 -2.28
C LEU C 214 -3.28 21.77 -1.23
N LEU C 215 -2.04 21.35 -1.04
CA LEU C 215 -1.17 22.01 -0.07
C LEU C 215 -1.04 23.49 -0.43
N SER C 216 -0.95 23.76 -1.72
CA SER C 216 -0.79 25.10 -2.25
C SER C 216 -2.06 25.94 -2.25
N ASP C 217 -3.20 25.30 -2.36
CA ASP C 217 -4.43 26.05 -2.43
C ASP C 217 -5.32 26.17 -1.19
N ILE C 218 -5.34 25.13 -0.38
CA ILE C 218 -6.23 25.10 0.75
C ILE C 218 -6.25 26.30 1.71
N GLY C 219 -5.08 26.78 2.10
CA GLY C 219 -4.98 27.91 3.02
C GLY C 219 -5.67 29.14 2.51
N ALA C 220 -5.36 29.50 1.26
CA ALA C 220 -5.94 30.65 0.61
C ALA C 220 -7.46 30.45 0.43
N MET C 221 -7.87 29.26 0.01
CA MET C 221 -9.32 29.02 -0.15
C MET C 221 -10.06 29.24 1.20
N ALA C 222 -9.52 28.69 2.28
CA ALA C 222 -10.17 28.79 3.59
C ALA C 222 -10.20 30.23 4.11
N ALA C 223 -9.05 30.89 4.02
CA ALA C 223 -8.89 32.26 4.46
C ALA C 223 -9.88 33.17 3.72
N SER C 224 -10.06 32.90 2.43
CA SER C 224 -10.96 33.70 1.61
C SER C 224 -12.40 33.49 2.04
N ARG C 225 -12.72 32.26 2.40
CA ARG C 225 -14.07 31.92 2.85
C ARG C 225 -14.27 32.39 4.27
N GLY C 226 -13.18 32.40 5.04
CA GLY C 226 -13.29 32.77 6.44
C GLY C 226 -13.63 31.53 7.27
N CYS C 227 -13.33 30.31 6.76
CA CYS C 227 -13.61 29.08 7.52
C CYS C 227 -12.60 28.36 8.42
N VAL C 228 -11.33 28.25 8.12
CA VAL C 228 -10.44 27.42 9.04
C VAL C 228 -10.56 25.89 8.97
N VAL C 229 -9.48 25.31 8.45
CA VAL C 229 -9.32 23.87 8.25
C VAL C 229 -8.21 23.45 9.21
N ILE C 230 -8.54 22.53 10.12
CA ILE C 230 -7.61 22.05 11.14
C ILE C 230 -7.15 20.66 10.71
N ALA C 231 -5.95 20.61 10.17
CA ALA C 231 -5.38 19.39 9.62
C ALA C 231 -4.24 18.76 10.39
N SER C 232 -4.44 17.48 10.68
CA SER C 232 -3.45 16.68 11.37
C SER C 232 -2.37 16.27 10.36
N LEU C 233 -1.12 16.40 10.77
CA LEU C 233 -0.01 15.99 9.93
C LEU C 233 1.01 15.29 10.83
N ASN C 234 0.90 13.97 10.88
CA ASN C 234 1.77 13.17 11.70
C ASN C 234 2.95 12.80 10.83
N PRO C 235 4.13 13.35 11.11
CA PRO C 235 5.28 13.00 10.26
C PRO C 235 5.58 11.51 10.36
N THR C 236 5.22 10.76 9.31
CA THR C 236 5.46 9.32 9.23
C THR C 236 6.94 9.14 9.04
N SER C 237 7.56 10.21 8.55
CA SER C 237 8.98 10.24 8.30
C SER C 237 9.71 9.93 9.62
N ASN C 238 11.03 9.84 9.54
CA ASN C 238 11.84 9.55 10.72
C ASN C 238 11.39 10.42 11.87
N ASP C 239 11.93 10.15 13.05
CA ASP C 239 11.62 10.95 14.22
C ASP C 239 12.93 11.66 14.50
N ASP C 240 13.57 12.09 13.41
CA ASP C 240 14.85 12.78 13.42
C ASP C 240 14.69 14.31 13.45
N LYS C 241 15.22 14.97 12.43
CA LYS C 241 15.14 16.40 12.28
C LYS C 241 14.51 16.62 10.93
N ILE C 242 13.78 15.59 10.50
CA ILE C 242 13.04 15.61 9.26
C ILE C 242 11.76 16.31 9.68
N VAL C 243 11.50 16.26 10.99
CA VAL C 243 10.32 16.90 11.58
C VAL C 243 10.49 18.41 11.47
N GLU C 244 11.73 18.85 11.32
CA GLU C 244 12.01 20.27 11.16
C GLU C 244 11.60 20.66 9.74
N LEU C 245 11.85 19.78 8.77
CA LEU C 245 11.47 20.07 7.39
C LEU C 245 9.94 20.01 7.26
N VAL C 246 9.32 19.07 7.96
CA VAL C 246 7.87 18.96 7.92
C VAL C 246 7.31 20.26 8.46
N LYS C 247 7.78 20.65 9.65
CA LYS C 247 7.31 21.87 10.28
C LYS C 247 7.49 23.04 9.32
N GLU C 248 8.64 23.05 8.65
CA GLU C 248 9.00 24.09 7.67
C GLU C 248 7.98 24.15 6.54
N ALA C 249 7.73 23.01 5.92
CA ALA C 249 6.77 22.93 4.82
C ALA C 249 5.39 23.36 5.34
N SER C 250 5.11 22.97 6.58
CA SER C 250 3.85 23.32 7.20
C SER C 250 3.70 24.80 7.44
N ARG C 251 4.72 25.43 8.02
CA ARG C 251 4.69 26.87 8.28
C ARG C 251 4.36 27.61 7.00
N SER C 252 5.02 27.19 5.94
CA SER C 252 4.89 27.81 4.65
C SER C 252 3.51 27.79 4.01
N ASN C 253 2.77 26.70 4.16
CA ASN C 253 1.46 26.65 3.54
C ASN C 253 0.32 26.78 4.54
N SER C 254 0.64 27.19 5.75
CA SER C 254 -0.37 27.30 6.79
C SER C 254 -0.58 28.73 7.22
N THR C 255 -1.82 29.04 7.58
CA THR C 255 -2.14 30.37 8.06
C THR C 255 -1.70 30.35 9.52
N SER C 256 -1.91 29.21 10.19
CA SER C 256 -1.51 29.01 11.58
C SER C 256 -0.84 27.63 11.71
N LEU C 257 0.05 27.50 12.67
CA LEU C 257 0.75 26.24 12.94
C LEU C 257 0.50 25.87 14.42
N VAL C 258 0.30 24.59 14.71
CA VAL C 258 0.10 24.14 16.09
C VAL C 258 1.07 22.98 16.22
N ILE C 259 2.07 23.15 17.09
CA ILE C 259 3.10 22.14 17.25
C ILE C 259 3.20 21.62 18.67
N SER C 260 3.48 20.33 18.80
CA SER C 260 3.66 19.71 20.10
C SER C 260 4.98 20.18 20.72
N THR C 261 5.09 20.10 22.04
CA THR C 261 6.32 20.53 22.71
C THR C 261 6.84 19.39 23.55
N ASP C 262 7.92 19.62 24.27
CA ASP C 262 8.50 18.60 25.13
C ASP C 262 7.68 18.39 26.41
N VAL C 263 6.68 19.26 26.63
CA VAL C 263 5.81 19.16 27.80
C VAL C 263 4.49 18.45 27.46
N ASP C 264 4.22 17.34 28.12
CA ASP C 264 3.00 16.60 27.88
C ASP C 264 1.72 17.44 27.86
N GLY C 265 0.91 17.23 26.81
CA GLY C 265 -0.35 17.92 26.66
C GLY C 265 -0.26 19.38 26.28
N GLU C 266 0.97 19.88 26.10
CA GLU C 266 1.16 21.28 25.73
C GLU C 266 1.47 21.45 24.25
N TRP C 267 0.90 22.51 23.68
CA TRP C 267 1.07 22.80 22.29
C TRP C 267 1.26 24.30 22.11
N GLN C 268 1.99 24.66 21.06
CA GLN C 268 2.25 26.06 20.77
C GLN C 268 1.49 26.41 19.50
N VAL C 269 0.78 27.54 19.55
CA VAL C 269 0.01 28.02 18.43
C VAL C 269 0.69 29.25 17.84
N LEU C 270 1.07 29.15 16.57
CA LEU C 270 1.71 30.26 15.90
C LEU C 270 0.76 30.73 14.80
N THR C 271 0.37 31.99 14.88
CA THR C 271 -0.59 32.55 13.95
C THR C 271 -0.12 33.71 13.08
N ARG C 272 -0.43 33.64 11.80
CA ARG C 272 -0.14 34.72 10.89
C ARG C 272 -1.46 35.51 10.96
N THR C 273 -1.38 36.76 11.42
CA THR C 273 -2.58 37.58 11.57
C THR C 273 -2.98 38.32 10.33
N GLY C 274 -2.15 38.24 9.28
CA GLY C 274 -2.45 38.91 8.05
C GLY C 274 -1.20 39.27 7.27
N GLU C 275 -1.41 39.70 6.03
CA GLU C 275 -0.33 40.08 5.13
C GLU C 275 0.68 41.06 5.71
N GLY C 276 1.92 40.61 5.89
CA GLY C 276 2.94 41.47 6.45
C GLY C 276 2.73 41.88 7.91
N LEU C 277 1.68 41.36 8.53
CA LEU C 277 1.41 41.68 9.92
C LEU C 277 2.18 40.76 10.85
N GLN C 278 2.13 41.09 12.14
CA GLN C 278 2.83 40.33 13.15
C GLN C 278 2.35 38.91 13.34
N ARG C 279 3.28 38.01 13.54
CA ARG C 279 2.96 36.63 13.79
C ARG C 279 2.81 36.51 15.30
N LEU C 280 1.74 35.89 15.76
CA LEU C 280 1.52 35.75 17.20
C LEU C 280 1.72 34.33 17.66
N THR C 281 1.94 34.17 18.96
CA THR C 281 2.13 32.85 19.54
C THR C 281 1.50 32.80 20.93
N HIS C 282 0.89 31.67 21.25
CA HIS C 282 0.33 31.46 22.57
C HIS C 282 0.39 29.96 22.80
N THR C 283 0.23 29.56 24.05
CA THR C 283 0.34 28.17 24.42
C THR C 283 -0.99 27.56 24.81
N LEU C 284 -1.15 26.27 24.53
CA LEU C 284 -2.36 25.53 24.87
C LEU C 284 -2.03 24.36 25.86
N GLN C 285 -2.81 24.25 26.93
CA GLN C 285 -2.65 23.17 27.92
C GLN C 285 -3.84 22.24 27.72
N THR C 286 -3.62 20.94 27.71
CA THR C 286 -4.73 20.04 27.48
C THR C 286 -4.66 18.84 28.38
N SER C 287 -5.76 18.10 28.46
CA SER C 287 -5.78 16.88 29.27
C SER C 287 -6.83 15.92 28.75
N TYR C 288 -6.60 14.63 28.97
CA TYR C 288 -7.53 13.61 28.51
C TYR C 288 -8.62 13.29 29.51
N GLY C 289 -9.77 12.89 28.98
CA GLY C 289 -10.91 12.52 29.79
C GLY C 289 -11.20 11.07 29.42
N GLU C 290 -12.43 10.63 29.61
CA GLU C 290 -12.80 9.26 29.26
C GLU C 290 -12.79 9.06 27.75
N HIS C 291 -12.43 7.86 27.33
CA HIS C 291 -12.38 7.48 25.92
C HIS C 291 -11.49 8.43 25.09
N SER C 292 -10.41 8.89 25.70
CA SER C 292 -9.46 9.78 25.03
C SER C 292 -10.02 11.13 24.54
N VAL C 293 -11.13 11.57 25.10
CA VAL C 293 -11.66 12.87 24.68
C VAL C 293 -10.71 13.90 25.31
N LEU C 294 -10.15 14.77 24.48
CA LEU C 294 -9.22 15.78 24.99
C LEU C 294 -9.93 17.10 25.26
N THR C 295 -9.54 17.73 26.37
CA THR C 295 -10.08 19.04 26.72
C THR C 295 -8.94 20.06 26.76
N ILE C 296 -9.19 21.22 26.13
CA ILE C 296 -8.23 22.31 26.09
C ILE C 296 -8.56 23.22 27.28
N HIS C 297 -7.62 23.38 28.21
CA HIS C 297 -7.87 24.24 29.36
C HIS C 297 -7.97 25.70 28.97
N THR C 298 -8.87 26.43 29.61
CA THR C 298 -9.06 27.83 29.32
C THR C 298 -8.58 28.67 30.49
N SER C 299 -9.52 28.98 31.39
CA SER C 299 -9.24 29.79 32.57
C SER C 299 -8.67 28.92 33.69
PB ADP D . 33.91 -13.55 -13.02
O1B ADP D . 34.75 -12.64 -12.16
O2B ADP D . 33.24 -14.74 -12.21
O3B ADP D . 32.82 -12.77 -13.66
PA ADP D . 34.71 -14.70 -15.61
O1A ADP D . 35.26 -13.67 -16.46
O2A ADP D . 33.33 -14.93 -15.95
O3A ADP D . 34.87 -14.23 -14.08
O5' ADP D . 35.47 -16.10 -15.65
C5' ADP D . 36.83 -16.13 -15.41
C4' ADP D . 37.29 -16.15 -13.96
O4' ADP D . 37.86 -17.44 -13.57
C3' ADP D . 38.34 -15.12 -13.85
O3' ADP D . 38.25 -14.30 -12.68
C2' ADP D . 39.62 -15.90 -13.99
O2' ADP D . 40.73 -15.11 -13.58
C1' ADP D . 39.27 -17.22 -13.20
N9 ADP D . 40.07 -18.49 -13.62
C8 ADP D . 39.87 -19.19 -14.75
N7 ADP D . 40.73 -20.23 -14.82
C5 ADP D . 41.48 -20.22 -13.77
C6 ADP D . 42.52 -21.03 -13.32
N6 ADP D . 42.92 -22.07 -14.02
N1 ADP D . 43.13 -20.74 -12.12
C2 ADP D . 42.76 -19.68 -11.35
N3 ADP D . 41.74 -18.88 -11.79
C4 ADP D . 41.08 -19.10 -12.97
MG MG E . 30.40 -14.55 -14.78
PB ADP F . 11.75 -14.75 6.77
O1B ADP F . 13.13 -14.31 7.18
O2B ADP F . 10.63 -14.45 7.87
O3B ADP F . 11.36 -14.09 5.51
PA ADP F . 11.06 -17.39 5.66
O1A ADP F . 11.97 -17.71 4.58
O2A ADP F . 9.84 -16.84 5.12
O3A ADP F . 11.78 -16.33 6.64
O5' ADP F . 10.67 -18.58 6.64
C5' ADP F . 11.69 -19.32 7.24
C4' ADP F . 12.30 -18.76 8.51
O4' ADP F . 11.94 -19.53 9.69
C3' ADP F . 13.77 -18.83 8.33
O3' ADP F . 14.51 -17.66 8.76
C2' ADP F . 14.15 -20.11 9.04
O2' ADP F . 15.56 -20.16 9.27
C1' ADP F . 13.18 -20.07 10.27
N9 ADP F . 12.83 -21.45 10.90
C8 ADP F . 12.00 -22.36 10.36
N7 ADP F . 11.92 -23.46 11.15
C5 ADP F . 12.66 -23.29 12.18
C6 ADP F . 12.97 -24.06 13.29
N6 ADP F . 12.44 -25.26 13.44
N1 ADP F . 13.84 -23.58 14.25
C2 ADP F . 14.42 -22.36 14.14
N3 ADP F . 14.13 -21.58 13.04
C4 ADP F . 13.28 -22.00 12.05
MG MG G . 8.26 -14.11 4.89
PB ADP H . -1.03 10.41 16.20
O1B ADP H . 0.35 10.02 16.68
O2B ADP H . -1.42 11.90 16.54
O3B ADP H . -1.11 10.23 14.73
PA ADP H . -3.48 8.83 16.60
O1A ADP H . -3.25 7.46 16.22
O2A ADP H . -4.11 9.54 15.52
O3A ADP H . -2.07 9.50 16.98
O5' ADP H . -4.36 9.06 17.91
C5' ADP H . -3.99 8.41 19.08
C4' ADP H . -2.92 9.08 19.95
O4' ADP H . -3.45 9.64 21.19
C3' ADP H . -1.95 8.02 20.28
O3' ADP H . -0.56 8.42 20.18
C2' ADP H . -2.38 7.58 21.66
O2' ADP H . -1.35 6.80 22.28
C1' ADP H . -2.80 8.94 22.32
N9 ADP H . -3.86 8.83 23.45
C8 ADP H . -5.16 8.57 23.29
N7 ADP H . -5.80 8.54 24.48
C5 ADP H . -4.94 8.78 25.41
C6 ADP H . -5.02 8.87 26.80
N6 ADP H . -6.19 8.69 27.42
N1 ADP H . -3.88 9.14 27.52
C2 ADP H . -2.67 9.33 26.94
N3 ADP H . -2.59 9.24 25.57
C4 ADP H . -3.67 8.97 24.78
MG MG I . -3.45 11.74 13.37
#